data_3VI1
#
_entry.id   3VI1
#
_cell.length_a   78.400
_cell.length_b   79.720
_cell.length_c   149.000
_cell.angle_alpha   90.00
_cell.angle_beta   90.00
_cell.angle_gamma   90.00
#
_symmetry.space_group_name_H-M   'P 21 21 21'
#
loop_
_entity.id
_entity.type
_entity.pdbx_description
1 polymer 'Alkaline metalloproteinase'
2 polymer 'Substance P1-6, RPKPQQ'
3 non-polymer 'ZINC ION'
4 non-polymer 'CALCIUM ION'
5 water water
#
loop_
_entity_poly.entity_id
_entity_poly.type
_entity_poly.pdbx_seq_one_letter_code
_entity_poly.pdbx_strand_id
1 'polypeptide(L)'
;GRSDAYTQVDNFLHAYARGGDELVNGHPSYTVDQAAEQILREQASWQKAPGDSVLTLSYSFLTKPNDFFNTPWKYVSDIY
SLGKFSAFSAQQQAQAKLSLQSWSDVTNIHFVDAGQGDQGDLTFGNFSSSVGGAAFAFLPDVPDALKGQSWYLINSSYSA
NVNPANGNYGRQTLTHEIGHTLGLSHPGDYNAGEGDPTYADATYAEDTRAYSVMSYWEEQNTGQDFKGAYSSAPLLDDIA
AIQKLYGANLTTRTGDTVYGFNSNTERDFYSATSSSSKLVFSVWDAGGNDTLDFSGFSQNQKINLNEKALSDVGGLKGNV
SIAAGVTVENAIGGSGSDLLIGNDVANVLKGGAGNDILYGGLGADQLWGGAGADTFVYGDIAESSAAAPDTLRDFVSGQD
KIDLSGLDAFVNGGLVLQYVDAFAGKAGQAILSYDAASKAGSLAIDFSGDAHADFAINLIGQATQADIVV
;
A,B
2 'polypeptide(L)' RPKPQQ C,D
#
# COMPACT_ATOMS: atom_id res chain seq x y z
N GLY A 1 23.75 20.06 0.14
CA GLY A 1 22.55 20.90 -0.16
C GLY A 1 21.52 20.18 -1.01
N ARG A 2 20.33 20.77 -1.10
CA ARG A 2 19.22 20.24 -1.88
C ARG A 2 19.57 20.23 -3.37
N SER A 3 19.42 19.06 -4.01
CA SER A 3 19.72 18.92 -5.43
C SER A 3 18.67 19.60 -6.30
N ASP A 4 19.00 19.82 -7.57
CA ASP A 4 18.07 20.38 -8.54
C ASP A 4 16.87 19.46 -8.76
N ALA A 5 17.12 18.15 -8.76
CA ALA A 5 16.07 17.14 -8.90
C ALA A 5 15.02 17.26 -7.81
N TYR A 6 15.46 17.53 -6.58
CA TYR A 6 14.55 17.77 -5.46
C TYR A 6 13.83 19.11 -5.61
N THR A 7 14.57 20.14 -6.04
CA THR A 7 14.03 21.48 -6.23
C THR A 7 12.86 21.48 -7.23
N GLN A 8 13.01 20.74 -8.32
CA GLN A 8 11.96 20.61 -9.34
C GLN A 8 10.68 19.99 -8.78
N VAL A 9 10.85 18.97 -7.94
CA VAL A 9 9.73 18.33 -7.24
C VAL A 9 9.02 19.34 -6.34
N ASP A 10 9.80 20.02 -5.49
CA ASP A 10 9.28 20.99 -4.54
C ASP A 10 8.58 22.16 -5.21
N ASN A 11 9.13 22.62 -6.34
CA ASN A 11 8.53 23.70 -7.12
C ASN A 11 7.22 23.30 -7.77
N PHE A 12 7.15 22.08 -8.29
CA PHE A 12 5.93 21.59 -8.95
C PHE A 12 4.85 21.14 -7.96
N LEU A 13 5.26 20.79 -6.75
CA LEU A 13 4.33 20.51 -5.65
C LEU A 13 3.57 21.78 -5.25
N HIS A 14 4.25 22.92 -5.38
CA HIS A 14 3.67 24.22 -5.06
C HIS A 14 3.31 25.03 -6.31
N ALA A 15 3.33 24.37 -7.47
CA ALA A 15 2.96 25.00 -8.74
C ALA A 15 1.46 25.29 -8.77
N TYR A 16 1.11 26.39 -9.43
CA TYR A 16 -0.29 26.85 -9.53
C TYR A 16 -0.95 26.96 -8.16
N ALA A 17 -0.25 27.60 -7.22
CA ALA A 17 -0.71 27.74 -5.85
C ALA A 17 -1.94 28.64 -5.76
N ARG A 18 -2.93 28.20 -4.98
CA ARG A 18 -4.14 28.98 -4.75
C ARG A 18 -4.47 29.03 -3.26
N GLY A 19 -5.21 30.06 -2.87
CA GLY A 19 -5.32 30.42 -1.46
C GLY A 19 -4.13 31.30 -1.13
N GLY A 20 -3.79 31.40 0.15
CA GLY A 20 -2.70 32.27 0.57
C GLY A 20 -3.17 33.71 0.74
N ASP A 21 -2.46 34.45 1.59
CA ASP A 21 -2.91 35.76 2.06
C ASP A 21 -2.52 36.94 1.17
N GLU A 22 -1.93 36.67 0.01
CA GLU A 22 -1.48 37.73 -0.90
C GLU A 22 -2.33 37.85 -2.16
N LEU A 23 -2.43 39.07 -2.67
CA LEU A 23 -3.18 39.35 -3.90
C LEU A 23 -2.51 38.75 -5.12
N VAL A 24 -3.30 38.09 -5.96
CA VAL A 24 -2.83 37.51 -7.22
C VAL A 24 -3.57 38.16 -8.39
N ASN A 25 -2.81 38.84 -9.24
CA ASN A 25 -3.36 39.64 -10.36
C ASN A 25 -4.31 40.75 -9.92
N GLY A 26 -4.08 41.29 -8.71
CA GLY A 26 -4.94 42.31 -8.13
C GLY A 26 -6.24 41.77 -7.58
N HIS A 27 -6.31 40.45 -7.43
CA HIS A 27 -7.50 39.78 -6.87
C HIS A 27 -7.11 38.92 -5.67
N PRO A 28 -8.06 38.68 -4.75
CA PRO A 28 -7.82 37.68 -3.70
C PRO A 28 -7.78 36.26 -4.30
N SER A 29 -6.88 35.43 -3.81
CA SER A 29 -6.77 34.05 -4.27
C SER A 29 -7.71 33.15 -3.47
N TYR A 30 -8.51 32.37 -4.18
CA TYR A 30 -9.53 31.52 -3.55
C TYR A 30 -9.11 30.06 -3.53
N THR A 31 -9.54 29.35 -2.48
CA THR A 31 -9.49 27.90 -2.48
C THR A 31 -10.59 27.39 -3.42
N VAL A 32 -10.56 26.09 -3.71
CA VAL A 32 -11.56 25.47 -4.56
C VAL A 32 -12.97 25.65 -3.98
N ASP A 33 -13.09 25.47 -2.66
CA ASP A 33 -14.37 25.60 -1.96
C ASP A 33 -14.92 27.03 -1.97
N GLN A 34 -14.03 28.00 -1.78
CA GLN A 34 -14.39 29.42 -1.80
C GLN A 34 -14.86 29.84 -3.20
N ALA A 35 -14.17 29.34 -4.22
CA ALA A 35 -14.53 29.57 -5.61
C ALA A 35 -15.91 28.98 -5.92
N ALA A 36 -16.16 27.78 -5.40
CA ALA A 36 -17.44 27.09 -5.56
C ALA A 36 -18.59 27.89 -4.96
N GLU A 37 -18.37 28.43 -3.77
CA GLU A 37 -19.36 29.26 -3.07
C GLU A 37 -19.73 30.50 -3.88
N GLN A 38 -18.72 31.18 -4.42
CA GLN A 38 -18.91 32.36 -5.26
C GLN A 38 -19.68 32.05 -6.54
N ILE A 39 -19.40 30.89 -7.13
CA ILE A 39 -20.11 30.43 -8.32
C ILE A 39 -21.60 30.19 -8.01
N LEU A 40 -21.90 29.81 -6.77
CA LEU A 40 -23.26 29.51 -6.33
C LEU A 40 -23.93 30.67 -5.58
N ARG A 41 -23.41 31.87 -5.73
CA ARG A 41 -23.86 33.04 -4.95
C ARG A 41 -25.36 33.38 -5.06
N GLU A 42 -25.96 33.06 -6.22
CA GLU A 42 -27.37 33.36 -6.47
C GLU A 42 -28.32 32.43 -5.72
N GLN A 43 -27.78 31.35 -5.16
CA GLN A 43 -28.54 30.34 -4.41
C GLN A 43 -29.66 29.71 -5.23
N ALA A 44 -29.40 29.53 -6.53
CA ALA A 44 -30.37 28.95 -7.45
C ALA A 44 -30.09 27.46 -7.65
N SER A 45 -31.16 26.66 -7.56
CA SER A 45 -31.06 25.21 -7.76
C SER A 45 -32.42 24.59 -8.08
N TRP A 46 -32.40 23.41 -8.68
CA TRP A 46 -33.60 22.60 -8.84
C TRP A 46 -33.90 21.88 -7.52
N GLN A 47 -35.18 21.86 -7.15
CA GLN A 47 -35.61 21.20 -5.91
C GLN A 47 -35.94 19.74 -6.18
N LYS A 48 -35.39 18.85 -5.37
CA LYS A 48 -35.64 17.41 -5.49
C LYS A 48 -37.03 17.05 -4.96
N ALA A 49 -37.94 16.69 -5.87
CA ALA A 49 -39.31 16.35 -5.51
C ALA A 49 -39.62 14.85 -5.55
N PRO A 50 -39.28 14.15 -6.67
CA PRO A 50 -39.51 12.70 -6.75
C PRO A 50 -38.72 11.90 -5.70
N GLY A 51 -37.54 12.39 -5.35
CA GLY A 51 -36.70 11.75 -4.33
C GLY A 51 -35.52 12.65 -3.98
N ASP A 52 -35.18 12.70 -2.69
CA ASP A 52 -34.07 13.51 -2.21
C ASP A 52 -32.72 12.89 -2.59
N SER A 53 -31.67 13.71 -2.54
CA SER A 53 -30.28 13.30 -2.82
C SER A 53 -29.98 12.92 -4.28
N VAL A 54 -31.02 12.56 -5.04
CA VAL A 54 -30.88 12.27 -6.47
C VAL A 54 -31.94 13.03 -7.28
N LEU A 55 -31.49 13.82 -8.24
CA LEU A 55 -32.36 14.64 -9.07
C LEU A 55 -32.52 14.06 -10.47
N THR A 56 -33.74 14.10 -11.01
CA THR A 56 -34.01 13.67 -12.38
C THR A 56 -34.51 14.84 -13.21
N LEU A 57 -33.83 15.09 -14.33
CA LEU A 57 -34.20 16.18 -15.24
C LEU A 57 -34.29 15.69 -16.67
N SER A 58 -35.41 16.01 -17.32
CA SER A 58 -35.59 15.68 -18.73
C SER A 58 -35.03 16.78 -19.63
N TYR A 59 -34.67 16.42 -20.84
CA TYR A 59 -34.18 17.37 -21.83
C TYR A 59 -34.76 17.11 -23.21
N SER A 60 -35.05 18.17 -23.95
CA SER A 60 -35.58 18.06 -25.31
C SER A 60 -35.02 19.13 -26.22
N PHE A 61 -35.08 18.87 -27.52
CA PHE A 61 -34.59 19.81 -28.52
C PHE A 61 -35.78 20.38 -29.29
N LEU A 62 -35.98 21.69 -29.17
CA LEU A 62 -37.13 22.38 -29.76
C LEU A 62 -37.15 22.25 -31.28
N THR A 63 -38.34 22.09 -31.83
CA THR A 63 -38.54 21.97 -33.27
C THR A 63 -39.14 23.25 -33.84
N LYS A 64 -39.79 24.03 -32.98
CA LYS A 64 -40.42 25.29 -33.34
C LYS A 64 -40.18 26.34 -32.26
N PRO A 65 -40.34 27.64 -32.60
CA PRO A 65 -40.23 28.69 -31.59
C PRO A 65 -41.22 28.49 -30.44
N ASN A 66 -40.77 28.77 -29.21
CA ASN A 66 -41.64 28.74 -28.05
C ASN A 66 -42.21 30.13 -27.75
N ASP A 67 -42.94 30.26 -26.65
CA ASP A 67 -43.56 31.53 -26.26
C ASP A 67 -42.52 32.62 -25.96
N PHE A 68 -41.38 32.21 -25.40
CA PHE A 68 -40.27 33.12 -25.12
C PHE A 68 -39.60 33.63 -26.39
N PHE A 69 -39.36 32.74 -27.35
CA PHE A 69 -38.74 33.14 -28.62
C PHE A 69 -39.60 34.15 -29.37
N ASN A 70 -40.91 33.89 -29.43
CA ASN A 70 -41.86 34.75 -30.13
C ASN A 70 -41.91 36.18 -29.60
N THR A 71 -42.06 36.31 -28.27
CA THR A 71 -42.11 37.62 -27.62
C THR A 71 -41.22 37.66 -26.38
N PRO A 72 -39.89 37.83 -26.57
CA PRO A 72 -38.97 37.89 -25.43
C PRO A 72 -39.26 39.04 -24.47
N TRP A 73 -39.66 40.20 -25.01
CA TRP A 73 -39.94 41.39 -24.20
C TRP A 73 -41.12 41.24 -23.25
N LYS A 74 -41.97 40.25 -23.50
CA LYS A 74 -43.08 39.91 -22.62
C LYS A 74 -42.59 39.23 -21.33
N TYR A 75 -41.42 38.60 -21.42
CA TYR A 75 -40.84 37.85 -20.31
C TYR A 75 -39.61 38.54 -19.72
N VAL A 76 -38.73 39.01 -20.59
CA VAL A 76 -37.44 39.57 -20.18
C VAL A 76 -37.24 41.02 -20.67
N SER A 77 -36.40 41.77 -19.96
CA SER A 77 -36.07 43.13 -20.38
C SER A 77 -34.74 43.17 -21.12
N ASP A 78 -34.63 44.09 -22.09
CA ASP A 78 -33.43 44.30 -22.91
C ASP A 78 -33.13 43.17 -23.91
N ILE A 79 -34.15 42.36 -24.22
CA ILE A 79 -34.08 41.37 -25.29
C ILE A 79 -35.37 41.49 -26.13
N TYR A 80 -35.20 41.64 -27.45
CA TYR A 80 -36.32 42.00 -28.32
C TYR A 80 -36.62 41.00 -29.43
N SER A 81 -35.76 40.92 -30.43
CA SER A 81 -35.93 39.94 -31.50
C SER A 81 -34.71 39.04 -31.59
N LEU A 82 -34.95 37.74 -31.54
CA LEU A 82 -33.87 36.74 -31.56
C LEU A 82 -33.56 36.27 -32.98
N GLY A 83 -34.35 36.74 -33.94
CA GLY A 83 -34.12 36.46 -35.35
C GLY A 83 -34.75 35.17 -35.85
N LYS A 84 -34.00 34.42 -36.65
CA LYS A 84 -34.48 33.15 -37.18
C LYS A 84 -34.30 32.04 -36.18
N PHE A 85 -35.35 31.26 -35.96
CA PHE A 85 -35.27 30.05 -35.15
C PHE A 85 -34.77 28.90 -36.01
N SER A 86 -33.92 28.06 -35.42
CA SER A 86 -33.54 26.79 -36.02
C SER A 86 -33.33 25.74 -34.95
N ALA A 87 -33.79 24.53 -35.22
CA ALA A 87 -33.61 23.40 -34.31
C ALA A 87 -32.14 23.00 -34.22
N PHE A 88 -31.78 22.40 -33.09
CA PHE A 88 -30.45 21.79 -32.93
C PHE A 88 -30.24 20.73 -33.98
N SER A 89 -29.12 20.84 -34.71
CA SER A 89 -28.77 19.85 -35.74
C SER A 89 -28.36 18.52 -35.09
N ALA A 90 -28.21 17.49 -35.91
CA ALA A 90 -27.82 16.17 -35.43
C ALA A 90 -26.53 16.20 -34.62
N GLN A 91 -25.54 16.94 -35.13
CA GLN A 91 -24.25 17.12 -34.45
C GLN A 91 -24.41 17.87 -33.14
N GLN A 92 -25.25 18.91 -33.15
CA GLN A 92 -25.52 19.73 -31.97
C GLN A 92 -26.17 18.93 -30.83
N GLN A 93 -27.10 18.05 -31.21
CA GLN A 93 -27.83 17.22 -30.24
C GLN A 93 -26.94 16.16 -29.59
N ALA A 94 -26.08 15.55 -30.39
CA ALA A 94 -25.15 14.52 -29.90
C ALA A 94 -24.11 15.12 -28.96
N GLN A 95 -23.64 16.33 -29.28
CA GLN A 95 -22.65 17.03 -28.46
C GLN A 95 -23.25 17.61 -27.19
N ALA A 96 -24.52 17.97 -27.25
CA ALA A 96 -25.27 18.43 -26.08
C ALA A 96 -25.42 17.30 -25.06
N LYS A 97 -25.71 16.11 -25.56
CA LYS A 97 -25.85 14.91 -24.71
C LYS A 97 -24.55 14.57 -24.00
N LEU A 98 -23.42 14.76 -24.68
CA LEU A 98 -22.10 14.54 -24.09
C LEU A 98 -21.78 15.57 -23.02
N SER A 99 -22.17 16.83 -23.26
CA SER A 99 -22.06 17.90 -22.27
C SER A 99 -22.94 17.61 -21.06
N LEU A 100 -24.15 17.12 -21.32
CA LEU A 100 -25.09 16.71 -20.29
C LEU A 100 -24.53 15.55 -19.47
N GLN A 101 -23.96 14.57 -20.18
CA GLN A 101 -23.34 13.40 -19.57
C GLN A 101 -22.19 13.77 -18.64
N SER A 102 -21.38 14.76 -19.06
CA SER A 102 -20.23 15.21 -18.29
C SER A 102 -20.64 15.86 -16.96
N TRP A 103 -21.84 16.44 -16.92
CA TRP A 103 -22.40 16.97 -15.68
C TRP A 103 -22.98 15.88 -14.79
N SER A 104 -23.72 14.94 -15.39
CA SER A 104 -24.32 13.84 -14.64
C SER A 104 -23.26 12.84 -14.14
N ASP A 105 -22.11 12.83 -14.80
CA ASP A 105 -20.96 12.03 -14.37
C ASP A 105 -20.46 12.43 -12.99
N VAL A 106 -20.48 13.73 -12.71
CA VAL A 106 -19.82 14.28 -11.52
C VAL A 106 -20.78 14.54 -10.35
N THR A 107 -22.07 14.63 -10.64
CA THR A 107 -23.08 14.92 -9.62
C THR A 107 -24.31 14.02 -9.75
N ASN A 108 -25.12 13.97 -8.71
CA ASN A 108 -26.27 13.05 -8.66
C ASN A 108 -27.49 13.57 -9.41
N ILE A 109 -27.34 13.64 -10.74
CA ILE A 109 -28.44 14.01 -11.63
C ILE A 109 -28.56 12.94 -12.70
N HIS A 110 -29.80 12.54 -13.01
CA HIS A 110 -30.08 11.65 -14.12
CA HIS A 110 -30.08 11.64 -14.11
C HIS A 110 -30.82 12.39 -15.22
N PHE A 111 -30.16 12.52 -16.38
CA PHE A 111 -30.77 13.19 -17.53
C PHE A 111 -31.55 12.20 -18.38
N VAL A 112 -32.83 12.51 -18.60
CA VAL A 112 -33.72 11.66 -19.37
C VAL A 112 -34.04 12.30 -20.72
N ASP A 113 -33.84 11.54 -21.79
CA ASP A 113 -34.11 12.00 -23.15
C ASP A 113 -35.62 12.13 -23.38
N ALA A 114 -36.07 13.37 -23.60
CA ALA A 114 -37.48 13.64 -23.90
C ALA A 114 -37.72 13.88 -25.39
N GLY A 115 -36.69 13.66 -26.20
CA GLY A 115 -36.79 13.67 -27.65
C GLY A 115 -36.79 15.03 -28.31
N GLN A 116 -37.62 15.17 -29.35
CA GLN A 116 -37.71 16.41 -30.12
C GLN A 116 -38.99 17.16 -29.77
N GLY A 117 -38.83 18.36 -29.22
CA GLY A 117 -39.96 19.21 -28.85
C GLY A 117 -39.73 20.08 -27.64
N ASP A 118 -40.81 20.44 -26.96
CA ASP A 118 -40.77 21.33 -25.80
C ASP A 118 -41.08 20.57 -24.50
N GLN A 119 -40.78 19.27 -24.50
CA GLN A 119 -41.09 18.37 -23.39
C GLN A 119 -40.15 18.55 -22.18
N GLY A 120 -38.86 18.69 -22.45
CA GLY A 120 -37.83 18.61 -21.42
C GLY A 120 -37.82 19.72 -20.39
N ASP A 121 -37.35 19.38 -19.18
CA ASP A 121 -37.09 20.36 -18.13
C ASP A 121 -36.02 21.34 -18.62
N LEU A 122 -35.08 20.83 -19.41
CA LEU A 122 -34.11 21.66 -20.12
C LEU A 122 -34.41 21.62 -21.62
N THR A 123 -34.40 22.78 -22.27
CA THR A 123 -34.62 22.85 -23.71
C THR A 123 -33.46 23.54 -24.42
N PHE A 124 -33.24 23.15 -25.68
CA PHE A 124 -32.16 23.69 -26.50
C PHE A 124 -32.71 24.23 -27.82
N GLY A 125 -32.16 25.36 -28.26
CA GLY A 125 -32.57 25.98 -29.52
C GLY A 125 -31.57 27.01 -30.01
N ASN A 126 -31.61 27.30 -31.31
CA ASN A 126 -30.74 28.29 -31.92
C ASN A 126 -31.46 29.60 -32.25
N PHE A 127 -30.73 30.71 -32.14
CA PHE A 127 -31.22 32.03 -32.55
C PHE A 127 -30.16 32.75 -33.39
N SER A 128 -30.58 33.78 -34.15
CA SER A 128 -29.67 34.43 -35.10
C SER A 128 -29.33 35.89 -34.79
N SER A 129 -30.16 36.57 -34.00
CA SER A 129 -29.91 37.98 -33.65
C SER A 129 -29.32 38.12 -32.25
N SER A 130 -28.05 38.51 -32.20
CA SER A 130 -27.28 38.55 -30.96
C SER A 130 -27.77 39.59 -29.96
N VAL A 131 -27.73 39.22 -28.69
CA VAL A 131 -28.05 40.12 -27.59
C VAL A 131 -26.78 40.47 -26.80
N GLY A 132 -25.67 40.58 -27.52
CA GLY A 132 -24.37 40.88 -26.93
C GLY A 132 -23.52 39.65 -26.65
N GLY A 133 -24.13 38.48 -26.76
CA GLY A 133 -23.45 37.23 -26.44
C GLY A 133 -23.54 36.14 -27.49
N ALA A 134 -22.78 35.08 -27.28
CA ALA A 134 -22.71 33.93 -28.18
C ALA A 134 -23.79 32.90 -27.88
N ALA A 135 -24.37 32.99 -26.68
CA ALA A 135 -25.40 32.08 -26.20
C ALA A 135 -25.90 32.59 -24.85
N PHE A 136 -27.09 32.13 -24.44
CA PHE A 136 -27.61 32.48 -23.12
C PHE A 136 -28.50 31.39 -22.52
N ALA A 137 -28.56 31.35 -21.19
CA ALA A 137 -29.42 30.42 -20.46
C ALA A 137 -30.01 31.05 -19.21
N PHE A 138 -31.03 30.41 -18.66
CA PHE A 138 -31.67 30.86 -17.42
C PHE A 138 -31.32 29.95 -16.25
N LEU A 139 -31.00 30.57 -15.12
CA LEU A 139 -30.80 29.84 -13.85
C LEU A 139 -32.16 29.36 -13.32
N PRO A 140 -32.16 28.23 -12.58
CA PRO A 140 -33.41 27.61 -12.12
C PRO A 140 -34.18 28.36 -11.02
N ASP A 141 -33.90 29.65 -10.82
CA ASP A 141 -34.66 30.47 -9.89
C ASP A 141 -35.67 31.38 -10.59
N VAL A 142 -35.66 31.32 -11.93
CA VAL A 142 -36.62 32.07 -12.75
C VAL A 142 -37.98 31.36 -12.78
N PRO A 143 -39.06 32.09 -13.15
CA PRO A 143 -40.38 31.46 -13.30
C PRO A 143 -40.39 30.28 -14.27
N ASP A 144 -41.41 29.43 -14.17
CA ASP A 144 -41.49 28.19 -14.93
C ASP A 144 -41.42 28.36 -16.45
N ALA A 145 -41.89 29.50 -16.94
CA ALA A 145 -41.92 29.79 -18.38
C ALA A 145 -40.55 29.99 -19.02
N LEU A 146 -39.51 30.12 -18.18
CA LEU A 146 -38.15 30.37 -18.66
C LEU A 146 -37.15 29.34 -18.14
N LYS A 147 -37.54 28.62 -17.08
CA LYS A 147 -36.69 27.65 -16.41
C LYS A 147 -36.16 26.57 -17.36
N GLY A 148 -34.85 26.36 -17.32
CA GLY A 148 -34.19 25.29 -18.09
C GLY A 148 -33.83 25.62 -19.53
N GLN A 149 -34.21 26.81 -19.99
CA GLN A 149 -33.99 27.20 -21.38
C GLN A 149 -32.58 27.70 -21.64
N SER A 150 -31.94 27.11 -22.66
CA SER A 150 -30.67 27.61 -23.17
C SER A 150 -30.78 27.88 -24.67
N TRP A 151 -30.15 28.96 -25.11
CA TRP A 151 -30.22 29.41 -26.49
C TRP A 151 -28.83 29.70 -27.04
N TYR A 152 -28.61 29.42 -28.32
CA TYR A 152 -27.27 29.46 -28.92
C TYR A 152 -27.27 30.21 -30.24
N LEU A 153 -26.32 31.15 -30.39
CA LEU A 153 -26.25 32.01 -31.57
C LEU A 153 -25.67 31.31 -32.79
N ILE A 154 -26.42 31.34 -33.89
CA ILE A 154 -25.93 30.91 -35.20
C ILE A 154 -26.34 31.93 -36.26
N ASN A 155 -25.33 32.53 -36.91
CA ASN A 155 -25.53 33.40 -38.06
C ASN A 155 -24.28 33.46 -38.94
N SER A 156 -24.31 34.28 -39.99
CA SER A 156 -23.20 34.39 -40.94
C SER A 156 -21.94 35.04 -40.35
N SER A 157 -22.09 35.68 -39.19
CA SER A 157 -20.97 36.35 -38.52
C SER A 157 -20.35 35.50 -37.41
N TYR A 158 -21.14 34.60 -36.83
CA TYR A 158 -20.68 33.76 -35.73
C TYR A 158 -21.03 32.29 -35.97
N SER A 159 -20.01 31.44 -36.06
CA SER A 159 -20.20 30.04 -36.43
C SER A 159 -19.69 29.03 -35.39
N ALA A 160 -19.24 29.53 -34.24
CA ALA A 160 -18.64 28.68 -33.20
C ALA A 160 -19.60 27.60 -32.66
N ASN A 161 -20.89 27.89 -32.65
CA ASN A 161 -21.91 26.96 -32.16
C ASN A 161 -22.42 25.96 -33.19
N VAL A 162 -22.07 26.18 -34.46
CA VAL A 162 -22.55 25.33 -35.56
C VAL A 162 -22.01 23.91 -35.47
N ASN A 163 -20.70 23.78 -35.28
CA ASN A 163 -20.05 22.47 -35.20
C ASN A 163 -19.31 22.24 -33.88
N PRO A 164 -20.05 21.94 -32.80
CA PRO A 164 -19.38 21.65 -31.53
C PRO A 164 -18.64 20.31 -31.61
N ALA A 165 -17.45 20.26 -31.01
CA ALA A 165 -16.61 19.07 -31.01
C ALA A 165 -15.66 19.09 -29.82
N ASN A 166 -15.09 17.93 -29.49
CA ASN A 166 -14.14 17.81 -28.39
C ASN A 166 -13.04 18.86 -28.48
N GLY A 167 -12.92 19.68 -27.44
CA GLY A 167 -11.85 20.67 -27.34
C GLY A 167 -12.11 22.02 -27.98
N ASN A 168 -13.23 22.19 -28.67
CA ASN A 168 -13.55 23.48 -29.29
C ASN A 168 -14.53 24.33 -28.48
N TYR A 169 -14.68 25.59 -28.87
CA TYR A 169 -15.49 26.54 -28.11
C TYR A 169 -16.99 26.23 -28.15
N GLY A 170 -17.44 25.61 -29.23
CA GLY A 170 -18.84 25.18 -29.38
C GLY A 170 -19.27 24.20 -28.32
N ARG A 171 -18.38 23.25 -28.01
CA ARG A 171 -18.64 22.26 -26.96
C ARG A 171 -18.66 22.90 -25.57
N GLN A 172 -17.65 23.72 -25.27
CA GLN A 172 -17.56 24.39 -23.97
C GLN A 172 -18.80 25.25 -23.68
N THR A 173 -19.27 25.96 -24.72
CA THR A 173 -20.47 26.80 -24.61
C THR A 173 -21.67 25.99 -24.14
N LEU A 174 -21.86 24.81 -24.72
CA LEU A 174 -22.92 23.88 -24.31
C LEU A 174 -22.80 23.48 -22.84
N THR A 175 -21.60 23.08 -22.43
CA THR A 175 -21.31 22.72 -21.04
C THR A 175 -21.52 23.93 -20.11
N HIS A 176 -21.15 25.10 -20.61
CA HIS A 176 -21.28 26.38 -19.91
C HIS A 176 -22.76 26.75 -19.69
N GLU A 177 -23.56 26.69 -20.75
CA GLU A 177 -24.97 27.07 -20.69
C GLU A 177 -25.81 26.11 -19.85
N ILE A 178 -25.51 24.82 -19.93
CA ILE A 178 -26.18 23.80 -19.10
C ILE A 178 -25.83 24.04 -17.63
N GLY A 179 -24.57 24.41 -17.38
CA GLY A 179 -24.13 24.83 -16.06
C GLY A 179 -25.02 25.92 -15.46
N HIS A 180 -25.38 26.90 -16.28
CA HIS A 180 -26.33 27.93 -15.86
C HIS A 180 -27.70 27.35 -15.48
N THR A 181 -28.24 26.50 -16.36
CA THR A 181 -29.56 25.90 -16.15
C THR A 181 -29.62 25.04 -14.89
N LEU A 182 -28.48 24.48 -14.50
CA LEU A 182 -28.37 23.69 -13.28
C LEU A 182 -28.24 24.56 -12.03
N GLY A 183 -27.83 25.81 -12.22
CA GLY A 183 -27.75 26.77 -11.12
C GLY A 183 -26.43 27.50 -10.93
N LEU A 184 -25.50 27.32 -11.86
CA LEU A 184 -24.19 27.97 -11.76
C LEU A 184 -24.18 29.33 -12.47
N SER A 185 -23.43 30.27 -11.90
CA SER A 185 -23.24 31.58 -12.50
C SER A 185 -21.78 31.71 -12.96
N HIS A 186 -21.50 32.77 -13.71
CA HIS A 186 -20.12 33.18 -13.97
C HIS A 186 -19.47 33.48 -12.63
N PRO A 187 -18.21 33.05 -12.44
CA PRO A 187 -17.51 33.24 -11.16
C PRO A 187 -17.34 34.71 -10.74
N GLY A 188 -17.79 35.63 -11.58
CA GLY A 188 -17.77 37.06 -11.27
C GLY A 188 -18.99 37.80 -11.78
N ASP A 189 -19.20 39.02 -11.27
CA ASP A 189 -20.35 39.83 -11.65
C ASP A 189 -20.12 40.55 -12.98
N TYR A 190 -20.12 39.77 -14.06
CA TYR A 190 -19.96 40.29 -15.42
C TYR A 190 -20.87 39.56 -16.40
N ASN A 191 -21.22 40.24 -17.49
CA ASN A 191 -22.13 39.70 -18.48
C ASN A 191 -21.86 40.28 -19.86
N ALA A 192 -21.84 39.42 -20.87
CA ALA A 192 -21.63 39.84 -22.26
C ALA A 192 -22.79 40.70 -22.75
N GLY A 193 -22.45 41.86 -23.31
CA GLY A 193 -23.45 42.84 -23.75
C GLY A 193 -23.63 43.95 -22.74
N GLU A 194 -22.95 43.84 -21.60
CA GLU A 194 -23.02 44.83 -20.53
C GLU A 194 -21.64 45.44 -20.25
N GLY A 195 -21.40 46.60 -20.86
CA GLY A 195 -20.15 47.34 -20.67
C GLY A 195 -18.94 46.66 -21.28
N ASP A 196 -17.79 46.84 -20.62
CA ASP A 196 -16.53 46.26 -21.08
C ASP A 196 -15.90 45.38 -19.98
N PRO A 197 -16.38 44.13 -19.86
CA PRO A 197 -15.80 43.26 -18.84
C PRO A 197 -14.46 42.66 -19.28
N THR A 198 -13.48 42.73 -18.39
CA THR A 198 -12.18 42.08 -18.59
C THR A 198 -11.89 41.19 -17.38
N TYR A 199 -10.77 40.48 -17.43
CA TYR A 199 -10.32 39.65 -16.29
C TYR A 199 -10.08 40.49 -15.04
N ALA A 200 -9.87 41.80 -15.23
CA ALA A 200 -9.68 42.75 -14.14
C ALA A 200 -10.94 42.96 -13.30
N ASP A 201 -12.09 42.58 -13.86
CA ASP A 201 -13.38 42.73 -13.17
C ASP A 201 -13.82 41.46 -12.44
N ALA A 202 -12.94 40.46 -12.37
CA ALA A 202 -13.21 39.22 -11.66
C ALA A 202 -13.20 39.46 -10.15
N THR A 203 -13.91 38.59 -9.41
CA THR A 203 -13.94 38.66 -7.96
C THR A 203 -12.70 38.00 -7.36
N TYR A 204 -12.25 36.92 -7.99
CA TYR A 204 -11.07 36.20 -7.53
C TYR A 204 -10.12 35.81 -8.67
N ALA A 205 -8.88 35.52 -8.31
CA ALA A 205 -7.82 35.24 -9.28
C ALA A 205 -8.07 34.00 -10.13
N GLU A 206 -8.60 32.95 -9.52
CA GLU A 206 -8.79 31.66 -10.19
C GLU A 206 -10.03 31.63 -11.09
N ASP A 207 -10.57 32.81 -11.38
CA ASP A 207 -11.67 32.95 -12.33
C ASP A 207 -11.10 32.96 -13.75
N THR A 208 -10.63 31.80 -14.19
CA THR A 208 -10.16 31.61 -15.56
C THR A 208 -10.69 30.30 -16.12
N ARG A 209 -10.50 30.09 -17.42
CA ARG A 209 -10.95 28.88 -18.09
C ARG A 209 -10.03 27.68 -17.85
N ALA A 210 -9.14 27.82 -16.86
CA ALA A 210 -8.32 26.72 -16.38
C ALA A 210 -8.97 26.07 -15.15
N TYR A 211 -9.89 26.79 -14.52
CA TYR A 211 -10.52 26.35 -13.29
C TYR A 211 -12.03 26.18 -13.39
N SER A 212 -12.65 26.92 -14.32
CA SER A 212 -14.10 26.90 -14.50
C SER A 212 -14.51 27.18 -15.94
N VAL A 213 -15.42 26.36 -16.47
CA VAL A 213 -16.00 26.61 -17.80
C VAL A 213 -17.00 27.77 -17.77
N MET A 214 -17.39 28.17 -16.56
CA MET A 214 -18.29 29.31 -16.36
C MET A 214 -17.57 30.65 -16.51
N SER A 215 -16.24 30.58 -16.52
CA SER A 215 -15.41 31.78 -16.67
C SER A 215 -15.37 32.28 -18.10
N TYR A 216 -15.17 33.59 -18.25
CA TYR A 216 -15.00 34.23 -19.55
C TYR A 216 -13.51 34.30 -19.93
N TRP A 217 -12.64 34.23 -18.94
CA TRP A 217 -11.25 34.65 -19.09
C TRP A 217 -10.30 33.49 -19.39
N GLU A 218 -9.33 33.76 -20.26
CA GLU A 218 -8.40 32.74 -20.74
C GLU A 218 -7.46 32.23 -19.66
N GLU A 219 -7.01 30.99 -19.84
CA GLU A 219 -6.20 30.27 -18.86
C GLU A 219 -4.83 30.92 -18.61
N GLN A 220 -4.36 31.71 -19.57
CA GLN A 220 -3.07 32.41 -19.47
C GLN A 220 -2.99 33.36 -18.28
N ASN A 221 -4.15 33.88 -17.86
CA ASN A 221 -4.22 34.79 -16.71
C ASN A 221 -3.75 34.16 -15.39
N THR A 222 -3.90 32.85 -15.26
CA THR A 222 -3.41 32.13 -14.08
C THR A 222 -2.24 31.18 -14.39
N GLY A 223 -1.52 31.44 -15.48
CA GLY A 223 -0.28 30.73 -15.81
C GLY A 223 -0.41 29.43 -16.58
N GLN A 224 -1.62 29.13 -17.05
CA GLN A 224 -1.87 27.92 -17.84
C GLN A 224 -1.88 28.23 -19.34
N ASP A 225 -1.81 27.19 -20.16
CA ASP A 225 -1.77 27.32 -21.61
C ASP A 225 -2.35 26.07 -22.27
N PHE A 226 -3.53 26.23 -22.89
CA PHE A 226 -4.19 25.09 -23.54
C PHE A 226 -3.99 25.07 -25.05
N LYS A 227 -3.16 25.98 -25.55
CA LYS A 227 -2.77 26.04 -26.97
C LYS A 227 -3.95 26.09 -27.94
N GLY A 228 -4.97 26.88 -27.58
CA GLY A 228 -6.13 27.10 -28.43
C GLY A 228 -7.33 26.23 -28.10
N ALA A 229 -7.12 25.18 -27.30
CA ALA A 229 -8.19 24.26 -26.93
C ALA A 229 -9.03 24.78 -25.77
N TYR A 230 -10.29 24.34 -25.70
CA TYR A 230 -11.20 24.69 -24.61
C TYR A 230 -11.68 23.44 -23.88
N SER A 231 -11.85 23.56 -22.57
CA SER A 231 -12.34 22.45 -21.76
C SER A 231 -13.75 22.04 -22.18
N SER A 232 -13.91 20.77 -22.56
CA SER A 232 -15.20 20.24 -22.99
C SER A 232 -16.11 19.91 -21.82
N ALA A 233 -15.50 19.60 -20.68
CA ALA A 233 -16.22 19.13 -19.50
C ALA A 233 -15.95 20.04 -18.29
N PRO A 234 -16.75 19.89 -17.22
CA PRO A 234 -16.56 20.64 -15.98
C PRO A 234 -15.12 20.59 -15.46
N LEU A 235 -14.59 21.74 -15.09
CA LEU A 235 -13.24 21.84 -14.55
C LEU A 235 -13.26 21.75 -13.03
N LEU A 236 -12.08 21.88 -12.42
CA LEU A 236 -11.90 21.69 -10.97
C LEU A 236 -12.96 22.40 -10.12
N ASP A 237 -13.13 23.70 -10.33
CA ASP A 237 -14.04 24.51 -9.53
C ASP A 237 -15.52 24.27 -9.86
N ASP A 238 -15.79 23.87 -11.11
CA ASP A 238 -17.15 23.51 -11.53
C ASP A 238 -17.64 22.27 -10.79
N ILE A 239 -16.77 21.27 -10.67
CA ILE A 239 -17.10 20.02 -10.01
C ILE A 239 -17.46 20.27 -8.54
N ALA A 240 -16.60 21.02 -7.85
CA ALA A 240 -16.84 21.39 -6.46
C ALA A 240 -18.15 22.17 -6.28
N ALA A 241 -18.46 23.04 -7.24
CA ALA A 241 -19.66 23.86 -7.18
C ALA A 241 -20.94 23.05 -7.36
N ILE A 242 -20.98 22.20 -8.38
CA ILE A 242 -22.17 21.41 -8.69
C ILE A 242 -22.42 20.31 -7.65
N GLN A 243 -21.34 19.79 -7.06
CA GLN A 243 -21.45 18.77 -6.01
C GLN A 243 -22.00 19.34 -4.71
N LYS A 244 -21.79 20.64 -4.48
CA LYS A 244 -22.40 21.34 -3.34
C LYS A 244 -23.92 21.39 -3.47
N LEU A 245 -24.40 21.47 -4.71
CA LEU A 245 -25.83 21.55 -5.00
C LEU A 245 -26.53 20.19 -5.01
N TYR A 246 -25.95 19.23 -5.72
CA TYR A 246 -26.61 17.95 -5.96
C TYR A 246 -25.77 16.74 -5.55
N GLY A 247 -24.71 16.97 -4.80
CA GLY A 247 -23.89 15.89 -4.24
C GLY A 247 -22.85 15.33 -5.19
N ALA A 248 -21.92 14.55 -4.63
CA ALA A 248 -20.89 13.88 -5.41
C ALA A 248 -21.42 12.57 -5.97
N ASN A 249 -21.14 12.30 -7.25
CA ASN A 249 -21.57 11.06 -7.87
C ASN A 249 -20.57 9.94 -7.63
N LEU A 250 -20.89 9.08 -6.68
CA LEU A 250 -19.98 8.01 -6.26
C LEU A 250 -20.25 6.66 -6.94
N THR A 251 -20.98 6.71 -8.05
CA THR A 251 -21.25 5.52 -8.87
C THR A 251 -20.46 5.58 -10.19
N THR A 252 -19.76 6.69 -10.41
CA THR A 252 -19.08 6.95 -11.67
C THR A 252 -17.66 6.38 -11.71
N ARG A 253 -17.41 5.52 -12.70
CA ARG A 253 -16.09 4.91 -12.93
C ARG A 253 -15.48 4.35 -11.65
N THR A 254 -16.20 3.42 -11.02
CA THR A 254 -15.77 2.82 -9.76
C THR A 254 -14.72 1.73 -9.95
N GLY A 255 -14.57 1.24 -11.19
CA GLY A 255 -13.57 0.25 -11.52
C GLY A 255 -12.23 0.88 -11.87
N ASP A 256 -11.29 0.06 -12.34
CA ASP A 256 -9.97 0.53 -12.74
C ASP A 256 -10.06 1.36 -14.01
N THR A 257 -9.74 2.65 -13.90
CA THR A 257 -9.94 3.60 -14.98
C THR A 257 -8.63 4.22 -15.46
N VAL A 258 -8.42 4.18 -16.77
CA VAL A 258 -7.23 4.77 -17.38
C VAL A 258 -7.60 6.07 -18.11
N TYR A 259 -6.91 7.14 -17.77
CA TYR A 259 -7.12 8.44 -18.39
C TYR A 259 -5.96 8.81 -19.29
N GLY A 260 -6.26 9.51 -20.39
CA GLY A 260 -5.25 9.86 -21.39
C GLY A 260 -5.22 8.83 -22.50
N PHE A 261 -4.05 8.27 -22.76
CA PHE A 261 -3.89 7.21 -23.76
C PHE A 261 -4.43 5.88 -23.23
N ASN A 262 -4.88 5.03 -24.16
CA ASN A 262 -5.44 3.71 -23.82
C ASN A 262 -6.61 3.81 -22.84
N SER A 263 -7.42 4.85 -23.00
CA SER A 263 -8.50 5.17 -22.06
C SER A 263 -9.70 4.26 -22.19
N ASN A 264 -10.28 3.88 -21.05
CA ASN A 264 -11.49 3.07 -20.98
C ASN A 264 -12.69 3.87 -20.44
N THR A 265 -12.54 5.19 -20.43
CA THR A 265 -13.56 6.11 -19.91
C THR A 265 -14.80 6.18 -20.79
N GLU A 266 -14.60 5.95 -22.09
CA GLU A 266 -15.64 6.19 -23.12
C GLU A 266 -16.04 7.67 -23.15
N ARG A 267 -15.09 8.53 -22.79
CA ARG A 267 -15.31 9.98 -22.78
C ARG A 267 -14.27 10.65 -23.65
N ASP A 268 -14.71 11.36 -24.69
CA ASP A 268 -13.81 12.01 -25.64
C ASP A 268 -12.80 12.96 -25.01
N PHE A 269 -13.24 13.72 -24.01
CA PHE A 269 -12.38 14.70 -23.33
C PHE A 269 -11.35 14.08 -22.40
N TYR A 270 -11.59 12.84 -21.95
CA TYR A 270 -10.64 12.12 -21.10
C TYR A 270 -9.62 11.32 -21.91
N SER A 271 -9.82 11.25 -23.22
CA SER A 271 -9.06 10.33 -24.07
C SER A 271 -8.08 11.01 -25.01
N ALA A 272 -6.89 10.43 -25.12
CA ALA A 272 -5.88 10.86 -26.07
C ALA A 272 -5.79 9.84 -27.20
N THR A 273 -5.77 10.32 -28.45
CA THR A 273 -5.79 9.43 -29.61
C THR A 273 -4.48 9.42 -30.41
N SER A 274 -3.68 10.49 -30.28
CA SER A 274 -2.39 10.58 -30.95
C SER A 274 -1.38 11.41 -30.15
N SER A 275 -0.15 11.48 -30.64
CA SER A 275 0.93 12.25 -30.00
C SER A 275 0.67 13.76 -30.03
N SER A 276 -0.32 14.18 -30.80
CA SER A 276 -0.67 15.59 -30.95
C SER A 276 -1.87 16.00 -30.10
N SER A 277 -2.58 15.01 -29.54
CA SER A 277 -3.78 15.24 -28.74
C SER A 277 -3.59 16.34 -27.70
N LYS A 278 -4.50 17.31 -27.72
CA LYS A 278 -4.50 18.39 -26.74
C LYS A 278 -5.51 18.08 -25.65
N LEU A 279 -5.00 17.65 -24.49
CA LEU A 279 -5.86 17.21 -23.39
C LEU A 279 -6.14 18.35 -22.41
N VAL A 280 -7.43 18.54 -22.11
CA VAL A 280 -7.86 19.44 -21.05
C VAL A 280 -8.97 18.75 -20.27
N PHE A 281 -8.67 18.35 -19.04
CA PHE A 281 -9.68 17.70 -18.19
C PHE A 281 -9.42 17.77 -16.69
N SER A 282 -10.49 17.65 -15.92
CA SER A 282 -10.42 17.46 -14.49
C SER A 282 -11.03 16.11 -14.15
N VAL A 283 -10.22 15.24 -13.56
CA VAL A 283 -10.62 13.86 -13.27
C VAL A 283 -11.61 13.78 -12.10
N TRP A 284 -12.83 13.35 -12.39
CA TRP A 284 -13.74 12.88 -11.35
C TRP A 284 -13.81 11.37 -11.39
N ASP A 285 -13.50 10.74 -10.26
CA ASP A 285 -13.40 9.29 -10.18
C ASP A 285 -13.80 8.80 -8.78
N ALA A 286 -14.75 7.87 -8.75
CA ALA A 286 -15.36 7.42 -7.50
C ALA A 286 -14.59 6.33 -6.74
N GLY A 287 -13.84 5.51 -7.46
CA GLY A 287 -13.10 4.42 -6.83
C GLY A 287 -12.26 3.57 -7.78
N GLY A 288 -11.56 2.59 -7.20
CA GLY A 288 -10.73 1.67 -7.98
C GLY A 288 -9.30 2.14 -8.13
N ASN A 289 -8.51 1.33 -8.84
CA ASN A 289 -7.10 1.62 -9.11
C ASN A 289 -6.96 2.35 -10.44
N ASP A 290 -6.58 3.61 -10.38
CA ASP A 290 -6.67 4.49 -11.55
C ASP A 290 -5.33 5.01 -12.05
N THR A 291 -5.23 5.20 -13.37
CA THR A 291 -3.98 5.54 -14.01
C THR A 291 -4.09 6.73 -14.96
N LEU A 292 -3.18 7.68 -14.81
CA LEU A 292 -2.98 8.74 -15.80
C LEU A 292 -1.90 8.27 -16.78
N ASP A 293 -2.35 7.89 -17.97
CA ASP A 293 -1.46 7.34 -19.00
C ASP A 293 -1.16 8.40 -20.08
N PHE A 294 0.01 9.01 -19.97
CA PHE A 294 0.46 9.98 -20.97
C PHE A 294 1.74 9.50 -21.66
N SER A 295 1.76 8.21 -21.99
CA SER A 295 2.92 7.55 -22.59
C SER A 295 3.16 7.95 -24.05
N GLY A 296 2.10 8.37 -24.74
CA GLY A 296 2.18 8.71 -26.16
C GLY A 296 2.69 10.11 -26.49
N PHE A 297 3.11 10.86 -25.47
CA PHE A 297 3.64 12.21 -25.67
C PHE A 297 5.16 12.24 -25.62
N SER A 298 5.75 13.13 -26.42
CA SER A 298 7.20 13.28 -26.48
C SER A 298 7.74 14.49 -25.71
N GLN A 299 6.86 15.43 -25.37
CA GLN A 299 7.25 16.64 -24.64
C GLN A 299 7.60 16.33 -23.18
N ASN A 300 8.34 17.24 -22.56
CA ASN A 300 8.64 17.15 -21.13
C ASN A 300 7.42 17.48 -20.30
N GLN A 301 6.97 16.49 -19.51
CA GLN A 301 5.72 16.60 -18.77
C GLN A 301 5.94 16.66 -17.27
N LYS A 302 5.00 17.30 -16.58
CA LYS A 302 5.02 17.35 -15.13
C LYS A 302 3.65 16.84 -14.64
N ILE A 303 3.65 15.71 -13.95
CA ILE A 303 2.42 15.04 -13.54
C ILE A 303 2.30 14.97 -12.02
N ASN A 304 1.19 15.49 -11.49
CA ASN A 304 0.92 15.55 -10.06
C ASN A 304 -0.31 14.72 -9.70
N LEU A 305 -0.11 13.69 -8.88
CA LEU A 305 -1.20 12.77 -8.51
C LEU A 305 -2.02 13.18 -7.28
N ASN A 306 -1.61 14.26 -6.62
CA ASN A 306 -2.37 14.80 -5.48
C ASN A 306 -3.66 15.45 -5.96
N GLU A 307 -4.71 15.35 -5.15
CA GLU A 307 -6.01 15.94 -5.51
C GLU A 307 -5.95 17.47 -5.52
N LYS A 308 -6.77 18.07 -6.38
CA LYS A 308 -6.81 19.53 -6.60
C LYS A 308 -5.59 20.07 -7.38
N ALA A 309 -4.61 19.21 -7.62
CA ALA A 309 -3.36 19.63 -8.26
C ALA A 309 -3.45 19.66 -9.78
N LEU A 310 -2.74 20.61 -10.39
CA LEU A 310 -2.70 20.77 -11.84
C LEU A 310 -1.38 20.25 -12.41
N SER A 311 -1.46 19.64 -13.59
CA SER A 311 -0.31 19.02 -14.25
C SER A 311 -0.05 19.59 -15.64
N ASP A 312 1.21 19.55 -16.07
CA ASP A 312 1.60 19.95 -17.43
C ASP A 312 1.73 18.72 -18.32
N VAL A 313 0.78 18.55 -19.24
CA VAL A 313 0.64 17.31 -20.00
C VAL A 313 0.56 17.56 -21.52
N GLY A 314 1.40 16.84 -22.27
CA GLY A 314 1.38 16.86 -23.73
C GLY A 314 1.62 18.21 -24.36
N GLY A 315 2.64 18.93 -23.88
CA GLY A 315 3.03 20.22 -24.43
C GLY A 315 2.15 21.38 -24.00
N LEU A 316 1.21 21.12 -23.09
CA LEU A 316 0.32 22.13 -22.53
C LEU A 316 0.69 22.41 -21.08
N LYS A 317 0.19 23.51 -20.54
CA LYS A 317 0.46 23.88 -19.15
C LYS A 317 -0.81 23.93 -18.30
N GLY A 318 -0.75 23.27 -17.14
CA GLY A 318 -1.86 23.24 -16.17
C GLY A 318 -3.18 22.78 -16.78
N ASN A 319 -3.11 21.76 -17.62
CA ASN A 319 -4.26 21.31 -18.42
C ASN A 319 -4.97 20.08 -17.86
N VAL A 320 -4.25 19.31 -17.03
CA VAL A 320 -4.81 18.12 -16.39
C VAL A 320 -4.87 18.34 -14.88
N SER A 321 -6.03 18.08 -14.30
CA SER A 321 -6.20 18.19 -12.86
C SER A 321 -6.99 17.01 -12.29
N ILE A 322 -7.01 16.91 -10.97
CA ILE A 322 -7.74 15.88 -10.25
C ILE A 322 -8.71 16.57 -9.30
N ALA A 323 -9.99 16.25 -9.40
CA ALA A 323 -11.02 16.90 -8.58
C ALA A 323 -10.80 16.64 -7.09
N ALA A 324 -11.30 17.56 -6.27
CA ALA A 324 -11.24 17.40 -4.81
C ALA A 324 -12.02 16.16 -4.40
N GLY A 325 -11.39 15.33 -3.55
CA GLY A 325 -11.99 14.09 -3.09
C GLY A 325 -11.72 12.88 -3.97
N VAL A 326 -10.87 13.06 -4.98
CA VAL A 326 -10.53 11.99 -5.92
C VAL A 326 -9.12 11.45 -5.66
N THR A 327 -9.01 10.13 -5.56
CA THR A 327 -7.72 9.47 -5.40
C THR A 327 -7.32 8.74 -6.69
N VAL A 328 -6.28 9.26 -7.34
CA VAL A 328 -5.70 8.62 -8.52
C VAL A 328 -4.39 7.96 -8.11
N GLU A 329 -4.23 6.69 -8.47
CA GLU A 329 -3.13 5.88 -7.96
C GLU A 329 -1.86 5.92 -8.81
N ASN A 330 -2.01 5.83 -10.13
CA ASN A 330 -0.87 5.60 -11.02
C ASN A 330 -0.66 6.68 -12.07
N ALA A 331 0.60 6.85 -12.48
CA ALA A 331 0.95 7.78 -13.55
C ALA A 331 2.01 7.19 -14.48
N ILE A 332 1.81 7.37 -15.78
CA ILE A 332 2.76 6.94 -16.80
C ILE A 332 3.18 8.14 -17.64
N GLY A 333 4.48 8.43 -17.61
CA GLY A 333 5.03 9.52 -18.41
C GLY A 333 5.26 9.11 -19.86
N GLY A 334 5.65 10.08 -20.69
CA GLY A 334 5.93 9.80 -22.10
C GLY A 334 7.42 9.59 -22.35
N SER A 335 7.83 9.77 -23.61
CA SER A 335 9.22 9.57 -24.02
C SER A 335 10.15 10.74 -23.64
N GLY A 336 9.55 11.87 -23.24
CA GLY A 336 10.31 13.03 -22.81
C GLY A 336 10.79 12.93 -21.38
N SER A 337 11.59 13.91 -20.95
CA SER A 337 12.08 13.96 -19.58
C SER A 337 10.99 14.50 -18.65
N ASP A 338 10.38 13.58 -17.89
CA ASP A 338 9.18 13.89 -17.12
C ASP A 338 9.41 14.04 -15.63
N LEU A 339 8.48 14.73 -14.98
CA LEU A 339 8.43 14.85 -13.53
C LEU A 339 7.15 14.19 -13.03
N LEU A 340 7.29 13.15 -12.21
CA LEU A 340 6.14 12.41 -11.70
C LEU A 340 6.06 12.47 -10.17
N ILE A 341 5.05 13.16 -9.68
CA ILE A 341 4.83 13.29 -8.24
C ILE A 341 3.61 12.47 -7.81
N GLY A 342 3.84 11.55 -6.87
CA GLY A 342 2.78 10.73 -6.32
C GLY A 342 2.05 11.41 -5.17
N ASN A 343 1.09 10.71 -4.59
CA ASN A 343 0.30 11.23 -3.47
C ASN A 343 0.51 10.40 -2.19
N ASP A 344 -0.45 10.47 -1.28
CA ASP A 344 -0.30 9.84 0.03
C ASP A 344 -0.44 8.31 0.03
N VAL A 345 -1.14 7.76 -0.95
CA VAL A 345 -1.33 6.30 -1.03
C VAL A 345 -0.25 5.63 -1.90
N ALA A 346 -0.32 4.31 -2.01
CA ALA A 346 0.60 3.53 -2.82
C ALA A 346 0.44 3.88 -4.30
N ASN A 347 1.54 4.30 -4.92
CA ASN A 347 1.52 4.71 -6.33
C ASN A 347 2.43 3.87 -7.21
N VAL A 348 1.96 3.57 -8.42
CA VAL A 348 2.81 3.02 -9.46
C VAL A 348 3.18 4.16 -10.40
N LEU A 349 4.46 4.53 -10.39
CA LEU A 349 4.96 5.60 -11.25
C LEU A 349 5.90 5.04 -12.30
N LYS A 350 5.58 5.30 -13.57
CA LYS A 350 6.41 4.85 -14.69
C LYS A 350 6.88 6.04 -15.53
N GLY A 351 8.19 6.20 -15.61
CA GLY A 351 8.79 7.33 -16.31
C GLY A 351 8.87 7.15 -17.82
N GLY A 352 9.10 5.92 -18.26
CA GLY A 352 9.29 5.63 -19.69
C GLY A 352 10.66 6.09 -20.15
N ALA A 353 10.76 6.44 -21.43
CA ALA A 353 12.01 6.96 -22.00
C ALA A 353 12.33 8.36 -21.46
N GLY A 354 13.57 8.79 -21.66
CA GLY A 354 14.02 10.10 -21.19
C GLY A 354 14.47 10.08 -19.73
N ASN A 355 14.99 11.22 -19.27
CA ASN A 355 15.51 11.35 -17.92
C ASN A 355 14.45 11.86 -16.94
N ASP A 356 13.87 10.94 -16.19
CA ASP A 356 12.71 11.24 -15.36
C ASP A 356 13.03 11.41 -13.88
N ILE A 357 12.26 12.27 -13.22
CA ILE A 357 12.37 12.46 -11.78
C ILE A 357 11.08 11.96 -11.12
N LEU A 358 11.23 10.93 -10.28
CA LEU A 358 10.11 10.29 -9.62
C LEU A 358 10.08 10.60 -8.13
N TYR A 359 8.90 10.98 -7.64
CA TYR A 359 8.70 11.28 -6.23
C TYR A 359 7.45 10.56 -5.74
N GLY A 360 7.66 9.42 -5.10
CA GLY A 360 6.57 8.57 -4.64
C GLY A 360 5.69 9.22 -3.58
N GLY A 361 6.29 10.02 -2.71
CA GLY A 361 5.60 10.62 -1.59
C GLY A 361 5.35 9.59 -0.51
N LEU A 362 4.31 9.80 0.30
CA LEU A 362 3.96 8.87 1.37
C LEU A 362 3.43 7.54 0.81
N GLY A 363 3.56 6.49 1.60
CA GLY A 363 3.14 5.14 1.19
C GLY A 363 4.27 4.34 0.57
N ALA A 364 4.00 3.06 0.33
CA ALA A 364 4.95 2.18 -0.35
C ALA A 364 4.69 2.20 -1.85
N ASP A 365 5.60 2.83 -2.60
CA ASP A 365 5.39 3.07 -4.03
C ASP A 365 6.21 2.15 -4.91
N GLN A 366 5.65 1.81 -6.07
CA GLN A 366 6.34 1.02 -7.09
C GLN A 366 6.85 1.97 -8.16
N LEU A 367 8.17 2.13 -8.23
CA LEU A 367 8.78 3.15 -9.07
C LEU A 367 9.57 2.58 -10.24
N TRP A 368 9.09 2.83 -11.45
CA TRP A 368 9.74 2.39 -12.68
C TRP A 368 10.35 3.60 -13.36
N GLY A 369 11.66 3.57 -13.55
CA GLY A 369 12.36 4.65 -14.23
C GLY A 369 12.26 4.56 -15.74
N GLY A 370 12.33 3.33 -16.26
CA GLY A 370 12.40 3.09 -17.70
C GLY A 370 13.82 3.32 -18.19
N ALA A 371 13.97 3.57 -19.49
CA ALA A 371 15.27 3.89 -20.07
C ALA A 371 15.72 5.29 -19.65
N GLY A 372 17.02 5.54 -19.76
CA GLY A 372 17.60 6.84 -19.42
C GLY A 372 17.99 6.97 -17.95
N ALA A 373 18.63 8.08 -17.62
CA ALA A 373 19.08 8.38 -16.26
C ALA A 373 17.94 8.95 -15.42
N ASP A 374 17.38 8.12 -14.54
CA ASP A 374 16.24 8.51 -13.74
C ASP A 374 16.61 8.76 -12.28
N THR A 375 15.89 9.69 -11.66
CA THR A 375 16.14 10.06 -10.28
C THR A 375 14.93 9.76 -9.40
N PHE A 376 15.16 9.01 -8.33
CA PHE A 376 14.13 8.68 -7.36
C PHE A 376 14.36 9.52 -6.10
N VAL A 377 13.47 10.47 -5.88
CA VAL A 377 13.66 11.53 -4.89
C VAL A 377 12.87 11.29 -3.61
N TYR A 378 13.49 11.61 -2.48
CA TYR A 378 12.87 11.47 -1.17
C TYR A 378 13.05 12.74 -0.34
N GLY A 379 11.93 13.30 0.12
CA GLY A 379 11.94 14.53 0.91
C GLY A 379 11.71 14.30 2.38
N ASP A 380 11.23 13.12 2.73
CA ASP A 380 10.94 12.76 4.12
C ASP A 380 11.20 11.27 4.36
N ILE A 381 11.64 10.95 5.57
CA ILE A 381 11.91 9.56 5.98
C ILE A 381 10.65 8.70 5.94
N ALA A 382 9.52 9.27 6.37
CA ALA A 382 8.22 8.57 6.40
C ALA A 382 7.73 8.14 5.02
N GLU A 383 8.34 8.68 3.97
CA GLU A 383 7.97 8.36 2.60
C GLU A 383 8.38 6.94 2.19
N SER A 384 9.38 6.38 2.86
CA SER A 384 9.79 5.00 2.65
C SER A 384 10.25 4.37 3.96
N SER A 385 9.28 3.88 4.73
CA SER A 385 9.54 3.28 6.05
C SER A 385 10.28 1.96 5.94
N ALA A 386 10.95 1.56 7.01
CA ALA A 386 11.68 0.30 7.07
C ALA A 386 10.76 -0.92 6.98
N ALA A 387 9.52 -0.75 7.44
CA ALA A 387 8.52 -1.82 7.44
C ALA A 387 7.75 -1.92 6.12
N ALA A 388 7.54 -0.78 5.46
CA ALA A 388 6.81 -0.72 4.20
C ALA A 388 7.51 0.20 3.19
N PRO A 389 8.66 -0.24 2.64
CA PRO A 389 9.47 0.61 1.77
C PRO A 389 9.00 0.66 0.32
N ASP A 390 9.49 1.68 -0.39
CA ASP A 390 9.36 1.77 -1.85
C ASP A 390 10.11 0.63 -2.52
N THR A 391 9.70 0.30 -3.73
CA THR A 391 10.47 -0.62 -4.57
C THR A 391 10.81 0.05 -5.89
N LEU A 392 12.11 0.11 -6.19
CA LEU A 392 12.59 0.60 -7.48
C LEU A 392 12.71 -0.62 -8.41
N ARG A 393 11.73 -0.74 -9.31
CA ARG A 393 11.50 -1.97 -10.06
C ARG A 393 12.44 -2.23 -11.24
N ASP A 394 13.19 -1.21 -11.66
CA ASP A 394 14.11 -1.35 -12.79
C ASP A 394 15.39 -0.52 -12.63
N PHE A 395 15.93 -0.51 -11.41
CA PHE A 395 17.12 0.28 -11.10
C PHE A 395 18.35 -0.24 -11.85
N VAL A 396 19.05 0.68 -12.51
CA VAL A 396 20.29 0.38 -13.20
C VAL A 396 21.42 1.18 -12.55
N SER A 397 22.42 0.46 -12.03
CA SER A 397 23.59 1.08 -11.42
C SER A 397 24.40 1.85 -12.46
N GLY A 398 24.90 3.02 -12.06
CA GLY A 398 25.71 3.86 -12.94
C GLY A 398 24.89 4.71 -13.91
N GLN A 399 23.57 4.64 -13.79
CA GLN A 399 22.67 5.40 -14.66
C GLN A 399 21.58 6.08 -13.84
N ASP A 400 20.87 5.29 -13.03
CA ASP A 400 19.82 5.81 -12.16
C ASP A 400 20.39 6.36 -10.86
N LYS A 401 19.61 7.18 -10.17
CA LYS A 401 20.06 7.81 -8.93
C LYS A 401 19.01 7.75 -7.83
N ILE A 402 19.46 7.46 -6.61
CA ILE A 402 18.64 7.59 -5.41
C ILE A 402 18.98 8.93 -4.76
N ASP A 403 17.99 9.82 -4.68
CA ASP A 403 18.21 11.17 -4.17
C ASP A 403 17.65 11.36 -2.77
N LEU A 404 18.55 11.66 -1.83
CA LEU A 404 18.20 11.88 -0.43
C LEU A 404 18.61 13.27 0.06
N SER A 405 19.00 14.13 -0.89
CA SER A 405 19.50 15.47 -0.57
C SER A 405 18.47 16.38 0.09
N GLY A 406 17.19 16.09 -0.13
CA GLY A 406 16.10 16.88 0.43
C GLY A 406 15.72 16.52 1.86
N LEU A 407 16.30 15.44 2.37
CA LEU A 407 16.01 14.98 3.74
C LEU A 407 16.52 15.94 4.79
N ASP A 408 15.75 16.07 5.88
CA ASP A 408 16.04 17.00 6.96
C ASP A 408 17.39 16.73 7.65
N ALA A 409 17.77 15.45 7.68
CA ALA A 409 19.04 15.03 8.29
C ALA A 409 20.26 15.52 7.52
N PHE A 410 20.09 15.82 6.23
CA PHE A 410 21.18 16.27 5.38
C PHE A 410 21.25 17.79 5.23
N VAL A 411 20.09 18.42 5.04
CA VAL A 411 20.01 19.88 4.86
C VAL A 411 20.32 20.63 6.15
N ASN A 412 19.65 20.24 7.23
CA ASN A 412 19.78 20.93 8.52
C ASN A 412 20.58 20.13 9.55
N GLY A 413 20.48 18.82 9.49
CA GLY A 413 21.17 17.93 10.43
C GLY A 413 22.67 17.85 10.21
N GLY A 414 23.09 17.95 8.95
CA GLY A 414 24.50 17.85 8.57
C GLY A 414 25.06 16.45 8.75
N LEU A 415 24.23 15.45 8.44
CA LEU A 415 24.57 14.05 8.63
C LEU A 415 25.34 13.48 7.44
N VAL A 416 26.32 12.63 7.73
CA VAL A 416 27.09 11.93 6.70
C VAL A 416 26.88 10.42 6.84
N LEU A 417 26.55 9.77 5.73
CA LEU A 417 26.27 8.34 5.72
C LEU A 417 27.53 7.50 5.93
N GLN A 418 27.41 6.49 6.79
CA GLN A 418 28.47 5.51 7.01
C GLN A 418 27.96 4.12 6.61
N TYR A 419 28.46 3.62 5.48
CA TYR A 419 28.03 2.32 4.97
C TYR A 419 28.68 1.18 5.74
N VAL A 420 27.84 0.35 6.35
CA VAL A 420 28.28 -0.71 7.25
C VAL A 420 27.51 -2.01 7.01
N ASP A 421 27.95 -3.09 7.67
CA ASP A 421 27.30 -4.39 7.57
C ASP A 421 26.37 -4.65 8.77
N ALA A 422 26.58 -3.91 9.84
CA ALA A 422 25.77 -4.02 11.06
C ALA A 422 25.68 -2.69 11.78
N PHE A 423 24.49 -2.40 12.34
CA PHE A 423 24.26 -1.16 13.07
C PHE A 423 24.81 -1.24 14.50
N ALA A 424 25.72 -0.33 14.83
CA ALA A 424 26.35 -0.28 16.15
C ALA A 424 25.71 0.75 17.08
N GLY A 425 24.69 1.45 16.55
CA GLY A 425 23.99 2.48 17.32
C GLY A 425 24.52 3.88 17.03
N LYS A 426 24.63 4.20 15.73
CA LYS A 426 25.15 5.49 15.29
C LYS A 426 24.27 6.08 14.19
N ALA A 427 23.99 7.37 14.31
CA ALA A 427 23.17 8.10 13.34
C ALA A 427 23.87 8.20 11.98
N GLY A 428 23.16 7.82 10.92
CA GLY A 428 23.68 7.91 9.57
C GLY A 428 24.19 6.61 8.98
N GLN A 429 24.28 5.57 9.81
CA GLN A 429 24.75 4.26 9.34
C GLN A 429 23.77 3.63 8.36
N ALA A 430 24.30 3.04 7.29
CA ALA A 430 23.49 2.48 6.22
C ALA A 430 23.97 1.10 5.80
N ILE A 431 23.03 0.18 5.63
CA ILE A 431 23.33 -1.16 5.14
C ILE A 431 22.79 -1.32 3.72
N LEU A 432 23.72 -1.47 2.77
CA LEU A 432 23.38 -1.69 1.38
C LEU A 432 23.63 -3.16 1.06
N SER A 433 22.59 -3.87 0.65
CA SER A 433 22.67 -5.32 0.43
C SER A 433 22.19 -5.75 -0.96
N TYR A 434 22.61 -6.94 -1.37
CA TYR A 434 22.20 -7.53 -2.65
C TYR A 434 22.10 -9.06 -2.53
N ASP A 435 21.28 -9.66 -3.39
CA ASP A 435 21.11 -11.11 -3.42
C ASP A 435 21.95 -11.74 -4.52
N ALA A 440 18.12 -8.81 -6.67
CA ALA A 440 17.32 -8.13 -5.66
C ALA A 440 18.21 -7.50 -4.58
N GLY A 441 17.88 -6.26 -4.21
CA GLY A 441 18.66 -5.52 -3.23
C GLY A 441 17.83 -4.67 -2.29
N SER A 442 18.50 -4.05 -1.31
CA SER A 442 17.85 -3.16 -0.36
C SER A 442 18.82 -2.14 0.24
N LEU A 443 18.32 -0.93 0.45
CA LEU A 443 19.05 0.11 1.17
C LEU A 443 18.31 0.40 2.48
N ALA A 444 18.98 0.21 3.60
CA ALA A 444 18.39 0.46 4.91
C ALA A 444 19.27 1.39 5.73
N ILE A 445 18.69 2.50 6.20
CA ILE A 445 19.45 3.51 6.94
C ILE A 445 18.88 3.71 8.35
N ASP A 446 19.78 3.83 9.32
CA ASP A 446 19.43 4.18 10.70
C ASP A 446 19.77 5.66 10.92
N PHE A 447 18.78 6.52 10.76
CA PHE A 447 18.96 7.97 10.90
C PHE A 447 19.00 8.45 12.35
N SER A 448 18.20 7.82 13.21
CA SER A 448 18.12 8.20 14.62
C SER A 448 19.35 7.73 15.42
N GLY A 449 19.84 6.54 15.10
CA GLY A 449 21.02 5.98 15.76
C GLY A 449 20.72 5.01 16.89
N ASP A 450 19.57 4.33 16.80
CA ASP A 450 19.18 3.35 17.82
C ASP A 450 19.47 1.91 17.38
N ALA A 451 20.35 1.77 16.39
CA ALA A 451 20.73 0.48 15.80
C ALA A 451 19.61 -0.23 15.04
N HIS A 452 18.52 0.48 14.79
CA HIS A 452 17.38 -0.04 14.02
C HIS A 452 17.11 0.82 12.80
N ALA A 453 16.71 0.19 11.71
CA ALA A 453 16.39 0.89 10.47
C ALA A 453 15.07 1.67 10.61
N ASP A 454 15.10 2.93 10.18
CA ASP A 454 13.90 3.79 10.17
C ASP A 454 13.56 4.25 8.75
N PHE A 455 14.44 3.90 7.81
CA PHE A 455 14.28 4.23 6.40
C PHE A 455 14.83 3.08 5.55
N ALA A 456 14.08 2.70 4.53
CA ALA A 456 14.48 1.60 3.65
C ALA A 456 13.96 1.76 2.22
N ILE A 457 14.69 1.20 1.25
CA ILE A 457 14.27 1.18 -0.15
C ILE A 457 14.58 -0.20 -0.75
N ASN A 458 13.54 -0.89 -1.22
CA ASN A 458 13.71 -2.16 -1.93
C ASN A 458 14.19 -1.93 -3.37
N LEU A 459 15.08 -2.80 -3.83
CA LEU A 459 15.71 -2.63 -5.14
C LEU A 459 15.60 -3.86 -6.04
N ILE A 460 15.13 -3.65 -7.27
CA ILE A 460 15.20 -4.67 -8.31
C ILE A 460 16.30 -4.25 -9.28
N GLY A 461 17.44 -4.94 -9.19
CA GLY A 461 18.67 -4.49 -9.82
C GLY A 461 19.50 -3.79 -8.76
N GLN A 462 20.78 -4.15 -8.66
CA GLN A 462 21.63 -3.68 -7.56
C GLN A 462 21.99 -2.19 -7.64
N ALA A 463 22.20 -1.60 -6.47
CA ALA A 463 22.64 -0.21 -6.36
C ALA A 463 23.96 -0.16 -5.58
N THR A 464 24.77 0.84 -5.91
CA THR A 464 26.04 1.07 -5.20
C THR A 464 25.99 2.40 -4.45
N GLN A 465 27.04 2.68 -3.68
CA GLN A 465 27.16 3.94 -2.95
C GLN A 465 27.16 5.15 -3.89
N ALA A 466 27.75 4.97 -5.08
CA ALA A 466 27.81 6.02 -6.09
C ALA A 466 26.44 6.37 -6.68
N ASP A 467 25.49 5.45 -6.55
CA ASP A 467 24.13 5.64 -7.05
C ASP A 467 23.27 6.43 -6.08
N ILE A 468 23.79 6.67 -4.88
CA ILE A 468 23.06 7.39 -3.84
C ILE A 468 23.60 8.81 -3.69
N VAL A 469 22.71 9.79 -3.87
CA VAL A 469 23.06 11.21 -3.81
C VAL A 469 22.53 11.82 -2.51
N VAL A 470 23.38 12.61 -1.84
CA VAL A 470 23.03 13.23 -0.56
C VAL A 470 23.13 14.75 -0.60
N GLY B 1 -24.21 -9.11 16.23
CA GLY B 1 -23.62 -10.36 16.75
C GLY B 1 -22.44 -10.84 15.93
N ARG B 2 -21.37 -11.23 16.63
CA ARG B 2 -20.16 -11.74 15.98
C ARG B 2 -20.41 -13.08 15.31
N SER B 3 -19.97 -13.20 14.06
CA SER B 3 -20.05 -14.46 13.33
C SER B 3 -18.98 -15.42 13.83
N ASP B 4 -19.17 -16.71 13.54
CA ASP B 4 -18.18 -17.73 13.87
C ASP B 4 -16.87 -17.48 13.13
N ALA B 5 -16.98 -16.99 11.90
CA ALA B 5 -15.82 -16.65 11.07
C ALA B 5 -14.92 -15.62 11.74
N TYR B 6 -15.52 -14.56 12.26
CA TYR B 6 -14.78 -13.53 12.99
C TYR B 6 -14.20 -14.07 14.30
N THR B 7 -14.98 -14.87 15.00
CA THR B 7 -14.56 -15.50 16.26
C THR B 7 -13.31 -16.37 16.04
N GLN B 8 -13.29 -17.12 14.94
CA GLN B 8 -12.14 -17.94 14.57
C GLN B 8 -10.88 -17.10 14.36
N VAL B 9 -11.04 -15.92 13.77
CA VAL B 9 -9.93 -14.99 13.55
C VAL B 9 -9.41 -14.43 14.88
N ASP B 10 -10.33 -13.94 15.71
CA ASP B 10 -9.99 -13.35 17.01
C ASP B 10 -9.28 -14.36 17.90
N ASN B 11 -9.76 -15.60 17.91
CA ASN B 11 -9.16 -16.67 18.71
C ASN B 11 -7.72 -16.98 18.32
N PHE B 12 -7.44 -17.05 17.02
CA PHE B 12 -6.10 -17.34 16.55
C PHE B 12 -5.16 -16.13 16.62
N LEU B 13 -5.73 -14.93 16.62
CA LEU B 13 -4.97 -13.70 16.87
C LEU B 13 -4.44 -13.68 18.30
N HIS B 14 -5.11 -14.42 19.19
CA HIS B 14 -4.71 -14.51 20.59
C HIS B 14 -4.23 -15.92 20.97
N ALA B 15 -4.01 -16.76 19.96
CA ALA B 15 -3.47 -18.10 20.16
C ALA B 15 -2.01 -18.05 20.60
N TYR B 16 -1.63 -19.00 21.46
CA TYR B 16 -0.29 -19.07 22.03
C TYR B 16 0.16 -17.75 22.65
N ALA B 17 -0.74 -17.13 23.42
CA ALA B 17 -0.49 -15.85 24.07
C ALA B 17 0.58 -15.98 25.15
N ARG B 18 1.47 -14.99 25.22
CA ARG B 18 2.54 -14.98 26.22
C ARG B 18 2.74 -13.59 26.82
N GLY B 19 3.26 -13.55 28.04
CA GLY B 19 3.49 -12.30 28.76
C GLY B 19 2.29 -11.83 29.56
N GLY B 20 1.35 -12.75 29.78
CA GLY B 20 0.15 -12.47 30.57
C GLY B 20 0.44 -12.40 32.06
N ASP B 21 -0.55 -11.96 32.84
CA ASP B 21 -0.38 -11.75 34.27
C ASP B 21 -0.53 -13.02 35.10
N GLU B 22 -1.17 -14.04 34.53
CA GLU B 22 -1.43 -15.29 35.23
C GLU B 22 -0.34 -16.33 35.01
N LEU B 23 -0.31 -17.34 35.88
CA LEU B 23 0.62 -18.46 35.75
C LEU B 23 0.12 -19.47 34.71
N VAL B 24 1.05 -19.98 33.91
CA VAL B 24 0.76 -21.01 32.91
C VAL B 24 1.56 -22.26 33.25
N ASN B 25 0.84 -23.34 33.55
CA ASN B 25 1.44 -24.60 34.02
C ASN B 25 2.29 -24.43 35.28
N GLY B 26 1.81 -23.56 36.18
CA GLY B 26 2.52 -23.26 37.42
C GLY B 26 3.77 -22.42 37.26
N HIS B 27 3.92 -21.82 36.07
CA HIS B 27 5.07 -20.97 35.76
C HIS B 27 4.63 -19.59 35.29
N PRO B 28 5.45 -18.56 35.54
CA PRO B 28 5.15 -17.23 35.00
C PRO B 28 5.34 -17.20 33.48
N SER B 29 4.44 -16.51 32.78
CA SER B 29 4.53 -16.38 31.33
C SER B 29 5.43 -15.21 30.96
N TYR B 30 6.51 -15.51 30.25
CA TYR B 30 7.50 -14.52 29.86
C TYR B 30 7.29 -14.08 28.42
N THR B 31 7.58 -12.81 28.13
CA THR B 31 7.60 -12.30 26.76
C THR B 31 8.87 -12.80 26.07
N VAL B 32 8.96 -12.58 24.76
CA VAL B 32 10.12 -12.96 23.97
C VAL B 32 11.41 -12.32 24.53
N ASP B 33 11.31 -11.05 24.92
CA ASP B 33 12.42 -10.31 25.49
C ASP B 33 12.86 -10.86 26.85
N GLN B 34 11.88 -11.17 27.70
CA GLN B 34 12.13 -11.72 29.04
C GLN B 34 12.75 -13.12 28.97
N ALA B 35 12.34 -13.88 27.96
CA ALA B 35 12.91 -15.20 27.70
C ALA B 35 14.35 -15.07 27.21
N ALA B 36 14.60 -14.07 26.37
CA ALA B 36 15.93 -13.79 25.84
C ALA B 36 16.93 -13.39 26.92
N GLU B 37 16.44 -12.62 27.90
CA GLU B 37 17.26 -12.19 29.05
C GLU B 37 17.63 -13.37 29.94
N GLN B 38 16.69 -14.30 30.10
CA GLN B 38 16.89 -15.50 30.93
C GLN B 38 17.91 -16.46 30.30
N ILE B 39 17.86 -16.59 28.98
CA ILE B 39 18.81 -17.44 28.24
C ILE B 39 20.25 -16.91 28.36
N LEU B 40 20.38 -15.60 28.57
CA LEU B 40 21.69 -14.94 28.65
C LEU B 40 22.15 -14.64 30.10
N ARG B 41 21.44 -15.21 31.07
CA ARG B 41 21.66 -14.92 32.50
C ARG B 41 23.10 -15.08 33.00
N GLU B 42 23.89 -15.90 32.32
CA GLU B 42 25.28 -16.15 32.71
C GLU B 42 26.22 -15.02 32.26
N GLN B 43 25.71 -14.15 31.39
CA GLN B 43 26.44 -12.99 30.85
C GLN B 43 27.73 -13.37 30.10
N ALA B 44 27.68 -14.52 29.43
CA ALA B 44 28.82 -15.02 28.66
C ALA B 44 28.68 -14.67 27.18
N SER B 45 29.76 -14.15 26.60
CA SER B 45 29.80 -13.79 25.18
C SER B 45 31.23 -13.73 24.64
N TRP B 46 31.34 -13.84 23.32
CA TRP B 46 32.61 -13.61 22.64
C TRP B 46 32.82 -12.11 22.46
N GLN B 47 34.05 -11.65 22.70
CA GLN B 47 34.42 -10.27 22.43
C GLN B 47 35.05 -10.20 21.05
N LYS B 48 34.60 -9.24 20.24
CA LYS B 48 35.12 -9.04 18.89
C LYS B 48 36.63 -8.84 18.91
N ALA B 49 37.33 -9.52 18.01
CA ALA B 49 38.77 -9.37 17.87
C ALA B 49 39.11 -7.92 17.51
N PRO B 50 40.18 -7.37 18.13
CA PRO B 50 40.59 -5.99 17.88
C PRO B 50 40.74 -5.69 16.38
N GLY B 51 39.94 -4.74 15.90
CA GLY B 51 39.94 -4.36 14.49
C GLY B 51 38.69 -4.82 13.74
N ASP B 52 38.14 -5.96 14.14
CA ASP B 52 36.98 -6.55 13.46
C ASP B 52 35.68 -5.82 13.80
N SER B 53 34.98 -5.37 12.76
CA SER B 53 33.69 -4.70 12.91
C SER B 53 32.58 -5.71 13.23
N VAL B 54 32.70 -6.91 12.67
CA VAL B 54 31.75 -8.00 12.88
C VAL B 54 32.50 -9.19 13.46
N LEU B 55 31.91 -9.85 14.46
CA LEU B 55 32.53 -11.00 15.11
C LEU B 55 32.89 -12.08 14.11
N THR B 56 34.14 -12.51 14.14
CA THR B 56 34.65 -13.53 13.22
C THR B 56 35.13 -14.73 14.03
N LEU B 57 34.54 -15.89 13.76
CA LEU B 57 34.88 -17.11 14.48
C LEU B 57 35.21 -18.26 13.54
N SER B 58 36.38 -18.84 13.73
CA SER B 58 36.80 -19.99 12.94
C SER B 58 36.31 -21.29 13.56
N TYR B 59 36.07 -22.29 12.72
CA TYR B 59 35.67 -23.62 13.20
C TYR B 59 36.51 -24.71 12.55
N SER B 60 36.85 -25.72 13.33
CA SER B 60 37.60 -26.88 12.83
C SER B 60 37.11 -28.17 13.47
N PHE B 61 37.26 -29.28 12.74
CA PHE B 61 36.85 -30.59 13.24
C PHE B 61 38.08 -31.38 13.67
N LEU B 62 38.09 -31.75 14.94
CA LEU B 62 39.24 -32.41 15.56
C LEU B 62 39.58 -33.75 14.92
N THR B 63 40.87 -33.98 14.67
CA THR B 63 41.35 -35.20 14.06
C THR B 63 41.90 -36.17 15.11
N LYS B 64 42.38 -35.63 16.21
CA LYS B 64 42.92 -36.40 17.33
C LYS B 64 42.40 -35.88 18.67
N PRO B 65 42.53 -36.68 19.75
CA PRO B 65 42.18 -36.18 21.09
C PRO B 65 43.03 -34.97 21.48
N ASN B 66 42.40 -34.01 22.15
CA ASN B 66 43.11 -32.85 22.68
C ASN B 66 43.42 -33.00 24.17
N ASP B 67 44.08 -32.00 24.75
CA ASP B 67 44.46 -32.03 26.16
C ASP B 67 43.27 -32.18 27.11
N PHE B 68 42.11 -31.64 26.71
CA PHE B 68 40.89 -31.83 27.47
C PHE B 68 40.41 -33.28 27.44
N PHE B 69 40.39 -33.88 26.25
CA PHE B 69 39.91 -35.25 26.09
C PHE B 69 40.73 -36.25 26.91
N ASN B 70 42.06 -36.11 26.86
CA ASN B 70 42.97 -37.02 27.54
C ASN B 70 42.88 -36.98 29.06
N THR B 71 42.83 -35.78 29.62
CA THR B 71 42.65 -35.59 31.07
C THR B 71 41.58 -34.52 31.36
N PRO B 72 40.28 -34.91 31.30
CA PRO B 72 39.18 -33.98 31.55
C PRO B 72 39.11 -33.49 33.01
N TRP B 73 39.53 -34.33 33.95
CA TRP B 73 39.50 -33.99 35.38
C TRP B 73 40.49 -32.89 35.76
N LYS B 74 41.43 -32.60 34.87
CA LYS B 74 42.39 -31.51 35.05
C LYS B 74 41.70 -30.15 34.89
N TYR B 75 40.62 -30.13 34.13
CA TYR B 75 39.91 -28.89 33.78
C TYR B 75 38.51 -28.82 34.36
N VAL B 76 37.84 -29.97 34.46
CA VAL B 76 36.45 -30.05 34.93
C VAL B 76 36.36 -30.84 36.24
N SER B 77 35.34 -30.55 37.04
CA SER B 77 35.14 -31.19 38.35
C SER B 77 34.50 -32.58 38.29
N ASP B 78 33.55 -32.77 37.38
CA ASP B 78 32.77 -34.02 37.34
C ASP B 78 32.79 -34.77 35.99
N ILE B 79 33.86 -34.60 35.21
CA ILE B 79 34.08 -35.38 33.99
C ILE B 79 35.41 -36.14 34.11
N TYR B 80 35.38 -37.43 33.77
CA TYR B 80 36.52 -38.32 34.05
C TYR B 80 37.11 -38.96 32.80
N SER B 81 36.52 -40.06 32.33
CA SER B 81 36.98 -40.70 31.10
C SER B 81 35.90 -40.62 30.04
N LEU B 82 36.25 -40.06 28.88
CA LEU B 82 35.31 -39.90 27.76
C LEU B 82 35.35 -41.09 26.80
N GLY B 83 36.27 -42.02 27.05
CA GLY B 83 36.36 -43.25 26.28
C GLY B 83 37.12 -43.13 24.97
N LYS B 84 36.49 -43.57 23.89
CA LYS B 84 37.10 -43.56 22.57
C LYS B 84 36.83 -42.27 21.82
N PHE B 85 37.88 -41.70 21.25
CA PHE B 85 37.75 -40.52 20.39
C PHE B 85 37.47 -40.94 18.95
N SER B 86 36.60 -40.19 18.29
CA SER B 86 36.41 -40.32 16.84
C SER B 86 36.16 -38.96 16.22
N ALA B 87 36.66 -38.77 15.01
CA ALA B 87 36.48 -37.52 14.28
C ALA B 87 35.06 -37.42 13.72
N PHE B 88 34.58 -36.18 13.59
CA PHE B 88 33.30 -35.89 12.94
C PHE B 88 33.25 -36.49 11.54
N SER B 89 32.21 -37.26 11.26
CA SER B 89 32.02 -37.89 9.95
C SER B 89 31.61 -36.85 8.90
N ALA B 90 31.67 -37.26 7.63
CA ALA B 90 31.31 -36.37 6.51
C ALA B 90 29.92 -35.77 6.68
N GLN B 91 28.96 -36.59 7.07
CA GLN B 91 27.60 -36.15 7.35
C GLN B 91 27.56 -35.18 8.52
N GLN B 92 28.27 -35.53 9.59
CA GLN B 92 28.35 -34.69 10.80
C GLN B 92 28.93 -33.31 10.50
N GLN B 93 29.97 -33.26 9.68
CA GLN B 93 30.62 -32.00 9.31
C GLN B 93 29.73 -31.13 8.44
N ALA B 94 29.08 -31.75 7.45
CA ALA B 94 28.17 -31.05 6.54
C ALA B 94 26.98 -30.42 7.30
N GLN B 95 26.43 -31.18 8.25
CA GLN B 95 25.31 -30.73 9.07
C GLN B 95 25.73 -29.67 10.09
N ALA B 96 26.95 -29.79 10.60
CA ALA B 96 27.51 -28.80 11.53
C ALA B 96 27.62 -27.43 10.88
N LYS B 97 28.04 -27.42 9.61
CA LYS B 97 28.15 -26.18 8.83
C LYS B 97 26.78 -25.55 8.58
N LEU B 98 25.76 -26.39 8.39
CA LEU B 98 24.38 -25.92 8.23
C LEU B 98 23.83 -25.34 9.53
N SER B 99 24.17 -25.97 10.65
CA SER B 99 23.78 -25.47 11.98
C SER B 99 24.48 -24.15 12.30
N LEU B 100 25.77 -24.07 11.97
CA LEU B 100 26.55 -22.83 12.09
C LEU B 100 25.94 -21.72 11.23
N GLN B 101 25.55 -22.08 10.01
CA GLN B 101 24.98 -21.14 9.05
C GLN B 101 23.66 -20.55 9.55
N SER B 102 22.82 -21.39 10.16
CA SER B 102 21.53 -20.95 10.70
C SER B 102 21.71 -19.97 11.87
N TRP B 103 22.86 -20.03 12.54
CA TRP B 103 23.21 -19.06 13.58
C TRP B 103 23.71 -17.76 12.96
N SER B 104 24.63 -17.86 11.99
CA SER B 104 25.19 -16.70 11.31
C SER B 104 24.18 -15.95 10.44
N ASP B 105 23.08 -16.65 10.09
CA ASP B 105 21.97 -16.05 9.36
C ASP B 105 21.25 -14.98 10.18
N VAL B 106 21.05 -15.27 11.48
CA VAL B 106 20.19 -14.43 12.32
C VAL B 106 20.95 -13.32 13.07
N THR B 107 22.25 -13.51 13.25
CA THR B 107 23.06 -12.55 13.99
C THR B 107 24.38 -12.21 13.28
N ASN B 108 25.06 -11.17 13.74
CA ASN B 108 26.28 -10.69 13.09
C ASN B 108 27.53 -11.47 13.51
N ILE B 109 27.70 -12.64 12.90
CA ILE B 109 28.88 -13.48 13.08
C ILE B 109 29.34 -14.00 11.71
N HIS B 110 30.64 -13.93 11.44
CA HIS B 110 31.21 -14.57 10.28
C HIS B 110 31.91 -15.86 10.70
N PHE B 111 31.46 -16.99 10.15
CA PHE B 111 32.09 -18.28 10.42
C PHE B 111 33.09 -18.66 9.32
N VAL B 112 34.33 -18.89 9.73
CA VAL B 112 35.42 -19.19 8.80
C VAL B 112 35.86 -20.64 8.94
N ASP B 113 35.91 -21.34 7.79
CA ASP B 113 36.35 -22.72 7.74
C ASP B 113 37.85 -22.82 8.04
N ALA B 114 38.19 -23.51 9.12
CA ALA B 114 39.60 -23.74 9.50
C ALA B 114 40.04 -25.19 9.22
N GLY B 115 39.18 -25.93 8.51
CA GLY B 115 39.51 -27.28 8.05
C GLY B 115 39.49 -28.36 9.10
N GLN B 116 40.48 -29.24 9.05
CA GLN B 116 40.61 -30.36 9.98
C GLN B 116 41.75 -30.11 10.96
N GLY B 117 41.43 -30.06 12.25
CA GLY B 117 42.42 -29.81 13.28
C GLY B 117 41.86 -29.19 14.54
N ASP B 118 42.72 -28.48 15.27
CA ASP B 118 42.37 -27.92 16.58
C ASP B 118 42.49 -26.38 16.64
N GLN B 119 42.81 -25.77 15.51
CA GLN B 119 43.09 -24.33 15.44
C GLN B 119 41.85 -23.43 15.42
N GLY B 120 40.68 -24.03 15.21
CA GLY B 120 39.41 -23.29 15.16
C GLY B 120 38.98 -22.75 16.51
N ASP B 121 38.38 -21.55 16.50
CA ASP B 121 37.80 -20.95 17.69
C ASP B 121 36.74 -21.89 18.28
N LEU B 122 35.98 -22.52 17.40
CA LEU B 122 35.05 -23.58 17.78
C LEU B 122 35.57 -24.91 17.26
N THR B 123 35.52 -25.94 18.10
CA THR B 123 35.97 -27.27 17.71
C THR B 123 34.88 -28.32 17.95
N PHE B 124 34.84 -29.32 17.06
CA PHE B 124 33.87 -30.41 17.15
C PHE B 124 34.59 -31.76 17.28
N GLY B 125 34.00 -32.66 18.07
CA GLY B 125 34.55 -34.00 18.27
C GLY B 125 33.58 -34.96 18.92
N ASN B 126 33.82 -36.26 18.77
CA ASN B 126 32.97 -37.30 19.34
C ASN B 126 33.63 -38.06 20.48
N PHE B 127 32.81 -38.50 21.43
CA PHE B 127 33.26 -39.35 22.55
C PHE B 127 32.33 -40.54 22.74
N SER B 128 32.82 -41.58 23.42
CA SER B 128 32.07 -42.84 23.56
C SER B 128 31.46 -43.09 24.95
N SER B 129 32.08 -42.53 25.99
CA SER B 129 31.62 -42.76 27.37
C SER B 129 30.76 -41.61 27.88
N SER B 130 29.49 -41.91 28.14
CA SER B 130 28.48 -40.92 28.52
C SER B 130 28.77 -40.27 29.88
N VAL B 131 28.70 -38.94 29.91
CA VAL B 131 28.86 -38.17 31.13
C VAL B 131 27.51 -37.87 31.78
N GLY B 132 26.44 -38.36 31.16
CA GLY B 132 25.08 -38.14 31.63
C GLY B 132 24.18 -37.52 30.59
N GLY B 133 24.76 -37.12 29.46
CA GLY B 133 24.03 -36.46 28.38
C GLY B 133 24.41 -36.92 26.99
N ALA B 134 23.66 -36.43 26.00
CA ALA B 134 23.86 -36.77 24.59
C ALA B 134 25.05 -36.03 23.99
N ALA B 135 25.35 -34.86 24.55
CA ALA B 135 26.43 -33.99 24.08
C ALA B 135 26.71 -32.94 25.13
N PHE B 136 27.85 -32.25 25.02
CA PHE B 136 28.16 -31.13 25.90
C PHE B 136 29.05 -30.08 25.25
N ALA B 137 28.94 -28.83 25.73
CA ALA B 137 29.75 -27.73 25.23
C ALA B 137 30.07 -26.74 26.35
N PHE B 138 31.05 -25.88 26.09
CA PHE B 138 31.47 -24.85 27.03
C PHE B 138 31.06 -23.47 26.53
N LEU B 139 30.56 -22.65 27.45
CA LEU B 139 30.24 -21.25 27.16
C LEU B 139 31.53 -20.43 27.06
N PRO B 140 31.52 -19.32 26.29
CA PRO B 140 32.73 -18.53 26.04
C PRO B 140 33.25 -17.73 27.24
N ASP B 141 32.86 -18.10 28.45
CA ASP B 141 33.39 -17.48 29.67
C ASP B 141 34.39 -18.38 30.41
N VAL B 142 34.83 -19.44 29.73
CA VAL B 142 35.79 -20.40 30.28
C VAL B 142 37.22 -20.13 29.76
N PRO B 143 38.24 -20.75 30.38
CA PRO B 143 39.63 -20.61 29.90
C PRO B 143 39.84 -21.13 28.46
N ASP B 144 40.96 -20.74 27.87
CA ASP B 144 41.30 -21.07 26.47
C ASP B 144 41.33 -22.57 26.15
N ALA B 145 41.69 -23.38 27.14
CA ALA B 145 41.80 -24.83 26.97
C ALA B 145 40.46 -25.53 26.74
N LEU B 146 39.37 -24.80 26.99
CA LEU B 146 38.02 -25.36 26.89
C LEU B 146 37.11 -24.55 25.97
N LYS B 147 37.49 -23.31 25.70
CA LYS B 147 36.66 -22.36 24.97
C LYS B 147 36.29 -22.83 23.56
N GLY B 148 35.00 -22.74 23.23
CA GLY B 148 34.49 -23.07 21.90
C GLY B 148 34.29 -24.55 21.61
N GLN B 149 34.61 -25.40 22.58
CA GLN B 149 34.55 -26.85 22.39
C GLN B 149 33.14 -27.41 22.56
N SER B 150 32.73 -28.25 21.61
CA SER B 150 31.51 -29.03 21.74
C SER B 150 31.79 -30.51 21.46
N TRP B 151 31.29 -31.38 22.32
CA TRP B 151 31.54 -32.82 22.23
C TRP B 151 30.24 -33.61 22.15
N TYR B 152 30.23 -34.67 21.34
CA TYR B 152 29.00 -35.38 21.00
C TYR B 152 29.13 -36.88 21.22
N LEU B 153 28.18 -37.45 21.98
CA LEU B 153 28.23 -38.87 22.36
C LEU B 153 27.87 -39.81 21.21
N ILE B 154 28.77 -40.74 20.92
CA ILE B 154 28.51 -41.83 19.98
C ILE B 154 28.93 -43.16 20.60
N ASN B 155 27.94 -44.01 20.87
CA ASN B 155 28.17 -45.39 21.26
C ASN B 155 27.05 -46.31 20.79
N SER B 156 27.08 -47.58 21.23
CA SER B 156 26.09 -48.57 20.83
C SER B 156 24.68 -48.27 21.32
N SER B 157 24.57 -47.70 22.53
CA SER B 157 23.28 -47.42 23.15
C SER B 157 22.72 -46.03 22.81
N TYR B 158 23.50 -45.21 22.11
CA TYR B 158 23.04 -43.89 21.65
C TYR B 158 23.55 -43.54 20.26
N SER B 159 22.62 -43.48 19.31
CA SER B 159 22.96 -43.31 17.89
C SER B 159 22.44 -42.00 17.26
N ALA B 160 21.80 -41.16 18.07
CA ALA B 160 21.15 -39.95 17.56
C ALA B 160 22.10 -38.94 16.92
N ASN B 161 23.35 -38.91 17.40
CA ASN B 161 24.37 -37.99 16.88
C ASN B 161 25.09 -38.51 15.63
N VAL B 162 24.95 -39.80 15.34
CA VAL B 162 25.65 -40.46 14.23
C VAL B 162 25.22 -39.91 12.86
N ASN B 163 23.91 -39.80 12.65
CA ASN B 163 23.37 -39.28 11.40
C ASN B 163 22.45 -38.07 11.59
N PRO B 164 23.03 -36.86 11.75
CA PRO B 164 22.20 -35.65 11.81
C PRO B 164 21.59 -35.32 10.46
N ALA B 165 20.35 -34.83 10.48
CA ALA B 165 19.62 -34.44 9.27
C ALA B 165 18.50 -33.47 9.60
N ASN B 166 18.05 -32.72 8.59
CA ASN B 166 16.95 -31.77 8.73
C ASN B 166 15.76 -32.38 9.47
N GLY B 167 15.47 -31.85 10.65
CA GLY B 167 14.29 -32.27 11.41
C GLY B 167 14.50 -33.30 12.51
N ASN B 168 15.64 -33.98 12.50
CA ASN B 168 15.93 -34.97 13.56
C ASN B 168 16.72 -34.42 14.73
N TYR B 169 16.83 -35.21 15.80
CA TYR B 169 17.45 -34.77 17.06
C TYR B 169 18.95 -34.50 16.95
N GLY B 170 19.63 -35.23 16.08
CA GLY B 170 21.07 -35.05 15.86
C GLY B 170 21.41 -33.66 15.35
N ARG B 171 20.58 -33.14 14.46
CA ARG B 171 20.75 -31.79 13.91
C ARG B 171 20.46 -30.71 14.95
N GLN B 172 19.38 -30.87 15.71
CA GLN B 172 19.04 -29.92 16.78
C GLN B 172 20.15 -29.85 17.82
N THR B 173 20.68 -31.01 18.20
CA THR B 173 21.78 -31.11 19.15
C THR B 173 22.98 -30.27 18.72
N LEU B 174 23.32 -30.31 17.44
CA LEU B 174 24.39 -29.47 16.88
C LEU B 174 24.08 -27.98 17.06
N THR B 175 22.88 -27.57 16.64
CA THR B 175 22.41 -26.19 16.81
C THR B 175 22.39 -25.79 18.30
N HIS B 176 21.97 -26.74 19.14
CA HIS B 176 21.93 -26.58 20.59
C HIS B 176 23.32 -26.32 21.19
N GLU B 177 24.27 -27.19 20.86
CA GLU B 177 25.62 -27.10 21.43
C GLU B 177 26.41 -25.89 20.91
N ILE B 178 26.19 -25.53 19.65
CA ILE B 178 26.82 -24.34 19.06
C ILE B 178 26.28 -23.09 19.76
N GLY B 179 24.99 -23.11 20.10
CA GLY B 179 24.36 -22.06 20.88
C GLY B 179 25.08 -21.83 22.21
N HIS B 180 25.47 -22.92 22.88
CA HIS B 180 26.26 -22.86 24.10
C HIS B 180 27.60 -22.17 23.88
N THR B 181 28.32 -22.60 22.84
CA THR B 181 29.65 -22.06 22.54
C THR B 181 29.60 -20.56 22.22
N LEU B 182 28.45 -20.11 21.71
CA LEU B 182 28.25 -18.69 21.41
C LEU B 182 27.87 -17.88 22.66
N GLY B 183 27.29 -18.54 23.66
CA GLY B 183 27.00 -17.90 24.94
C GLY B 183 25.60 -18.10 25.50
N LEU B 184 24.86 -19.05 24.95
CA LEU B 184 23.50 -19.33 25.42
C LEU B 184 23.48 -20.48 26.41
N SER B 185 22.69 -20.31 27.48
CA SER B 185 22.46 -21.38 28.45
C SER B 185 21.10 -22.02 28.18
N HIS B 186 20.81 -23.10 28.88
CA HIS B 186 19.45 -23.66 28.93
C HIS B 186 18.56 -22.61 29.59
N PRO B 187 17.33 -22.43 29.09
CA PRO B 187 16.43 -21.39 29.63
C PRO B 187 16.11 -21.56 31.12
N GLY B 188 16.48 -22.70 31.70
CA GLY B 188 16.34 -22.93 33.14
C GLY B 188 17.59 -23.53 33.74
N ASP B 189 17.68 -23.52 35.07
CA ASP B 189 18.84 -24.04 35.78
C ASP B 189 18.76 -25.56 35.98
N TYR B 190 18.95 -26.29 34.88
CA TYR B 190 18.94 -27.75 34.90
C TYR B 190 20.01 -28.30 33.97
N ASN B 191 20.40 -29.55 34.20
CA ASN B 191 21.48 -30.18 33.43
C ASN B 191 21.35 -31.70 33.45
N ALA B 192 21.63 -32.33 32.30
CA ALA B 192 21.61 -33.78 32.19
C ALA B 192 22.75 -34.40 33.01
N GLY B 193 22.42 -35.44 33.77
CA GLY B 193 23.39 -36.08 34.66
C GLY B 193 23.44 -35.46 36.05
N GLU B 194 22.59 -34.45 36.26
CA GLU B 194 22.48 -33.79 37.55
C GLU B 194 21.01 -33.80 38.02
N GLY B 195 20.71 -34.70 38.95
CA GLY B 195 19.35 -34.88 39.43
C GLY B 195 18.43 -35.48 38.38
N ASP B 196 17.14 -35.17 38.49
CA ASP B 196 16.15 -35.63 37.51
C ASP B 196 15.20 -34.47 37.13
N PRO B 197 15.67 -33.59 36.23
CA PRO B 197 14.90 -32.40 35.87
C PRO B 197 13.66 -32.70 35.03
N THR B 198 12.60 -31.93 35.26
CA THR B 198 11.37 -32.00 34.48
C THR B 198 10.97 -30.60 34.03
N TYR B 199 9.89 -30.50 33.25
CA TYR B 199 9.35 -29.21 32.83
C TYR B 199 8.94 -28.35 34.03
N ALA B 200 8.59 -29.02 35.13
CA ALA B 200 8.23 -28.34 36.38
C ALA B 200 9.40 -27.56 37.00
N ASP B 201 10.62 -27.89 36.57
CA ASP B 201 11.83 -27.22 37.07
C ASP B 201 12.19 -25.95 36.28
N ALA B 202 11.42 -25.66 35.23
CA ALA B 202 11.66 -24.49 34.39
C ALA B 202 11.34 -23.19 35.13
N THR B 203 12.06 -22.12 34.77
CA THR B 203 11.86 -20.80 35.36
C THR B 203 10.56 -20.15 34.85
N TYR B 204 10.31 -20.31 33.55
CA TYR B 204 9.12 -19.73 32.92
C TYR B 204 8.44 -20.72 31.98
N ALA B 205 7.17 -20.45 31.68
CA ALA B 205 6.32 -21.37 30.92
C ALA B 205 6.84 -21.65 29.51
N GLU B 206 7.41 -20.64 28.88
CA GLU B 206 7.84 -20.73 27.48
C GLU B 206 9.19 -21.43 27.28
N ASP B 207 9.66 -22.10 28.33
CA ASP B 207 10.84 -22.95 28.24
C ASP B 207 10.45 -24.29 27.62
N THR B 208 10.18 -24.26 26.32
CA THR B 208 9.86 -25.47 25.54
C THR B 208 10.61 -25.45 24.22
N ARG B 209 10.67 -26.59 23.55
CA ARG B 209 11.33 -26.71 22.27
C ARG B 209 10.51 -26.13 21.12
N ALA B 210 9.45 -25.40 21.47
CA ALA B 210 8.66 -24.64 20.51
C ALA B 210 9.17 -23.21 20.42
N TYR B 211 9.88 -22.78 21.46
CA TYR B 211 10.39 -21.41 21.55
C TYR B 211 11.91 -21.33 21.60
N SER B 212 12.57 -22.43 21.98
CA SER B 212 14.03 -22.47 22.11
C SER B 212 14.61 -23.87 21.91
N VAL B 213 15.63 -23.96 21.06
CA VAL B 213 16.37 -25.22 20.88
C VAL B 213 17.30 -25.51 22.06
N MET B 214 17.47 -24.50 22.92
CA MET B 214 18.28 -24.63 24.13
C MET B 214 17.49 -25.35 25.24
N SER B 215 16.17 -25.44 25.05
CA SER B 215 15.28 -26.08 26.01
C SER B 215 15.39 -27.61 25.99
N TYR B 216 15.05 -28.22 27.11
CA TYR B 216 15.01 -29.67 27.27
C TYR B 216 13.61 -30.23 27.01
N TRP B 217 12.60 -29.36 27.11
CA TRP B 217 11.21 -29.81 27.29
C TRP B 217 10.35 -29.82 26.04
N GLU B 218 9.39 -30.74 26.04
CA GLU B 218 8.52 -31.00 24.89
C GLU B 218 7.63 -29.80 24.56
N GLU B 219 7.38 -29.60 23.26
CA GLU B 219 6.57 -28.48 22.77
C GLU B 219 5.11 -28.56 23.20
N GLN B 220 4.65 -29.76 23.53
CA GLN B 220 3.26 -30.00 23.95
C GLN B 220 2.93 -29.33 25.29
N ASN B 221 3.97 -29.00 26.05
CA ASN B 221 3.81 -28.29 27.32
C ASN B 221 3.19 -26.90 27.16
N THR B 222 3.46 -26.28 26.01
CA THR B 222 2.89 -24.96 25.69
C THR B 222 1.84 -25.01 24.57
N GLY B 223 1.36 -26.21 24.24
CA GLY B 223 0.25 -26.39 23.31
C GLY B 223 0.62 -26.57 21.85
N GLN B 224 1.91 -26.77 21.58
CA GLN B 224 2.40 -27.01 20.23
C GLN B 224 2.61 -28.50 19.96
N ASP B 225 2.77 -28.88 18.69
CA ASP B 225 2.95 -30.28 18.31
C ASP B 225 3.76 -30.39 17.02
N PHE B 226 5.00 -30.88 17.13
CA PHE B 226 5.85 -31.04 15.96
C PHE B 226 5.86 -32.48 15.42
N LYS B 227 5.01 -33.32 16.01
CA LYS B 227 4.76 -34.70 15.52
C LYS B 227 6.03 -35.52 15.35
N GLY B 228 6.95 -35.43 16.30
CA GLY B 228 8.20 -36.19 16.28
C GLY B 228 9.40 -35.41 15.79
N ALA B 229 9.15 -34.40 14.95
CA ALA B 229 10.22 -33.57 14.39
C ALA B 229 10.81 -32.60 15.41
N TYR B 230 12.06 -32.20 15.17
CA TYR B 230 12.75 -31.24 16.02
C TYR B 230 13.23 -30.05 15.19
N SER B 231 13.20 -28.87 15.79
CA SER B 231 13.68 -27.65 15.14
C SER B 231 15.16 -27.73 14.82
N SER B 232 15.50 -27.55 13.55
CA SER B 232 16.89 -27.62 13.08
C SER B 232 17.63 -26.30 13.29
N ALA B 233 16.87 -25.20 13.26
CA ALA B 233 17.45 -23.86 13.35
C ALA B 233 16.99 -23.15 14.63
N PRO B 234 17.63 -22.01 14.97
CA PRO B 234 17.20 -21.19 16.11
C PRO B 234 15.72 -20.82 16.04
N LEU B 235 15.05 -20.88 17.19
CA LEU B 235 13.63 -20.56 17.28
C LEU B 235 13.41 -19.11 17.75
N LEU B 236 12.15 -18.76 17.97
CA LEU B 236 11.74 -17.38 18.30
C LEU B 236 12.54 -16.73 19.42
N ASP B 237 12.68 -17.43 20.55
CA ASP B 237 13.43 -16.90 21.69
C ASP B 237 14.94 -17.05 21.54
N ASP B 238 15.37 -18.04 20.75
CA ASP B 238 16.79 -18.22 20.42
C ASP B 238 17.32 -17.03 19.64
N ILE B 239 16.54 -16.59 18.65
CA ILE B 239 16.89 -15.47 17.80
C ILE B 239 17.01 -14.18 18.62
N ALA B 240 16.00 -13.91 19.45
CA ALA B 240 15.99 -12.73 20.31
C ALA B 240 17.15 -12.71 21.31
N ALA B 241 17.53 -13.89 21.81
CA ALA B 241 18.63 -14.03 22.77
C ALA B 241 19.99 -13.74 22.12
N ILE B 242 20.24 -14.36 20.98
CA ILE B 242 21.53 -14.23 20.29
C ILE B 242 21.71 -12.83 19.65
N GLN B 243 20.60 -12.20 19.26
CA GLN B 243 20.64 -10.87 18.68
C GLN B 243 20.92 -9.78 19.73
N LYS B 244 20.66 -10.08 21.00
CA LYS B 244 21.04 -9.18 22.10
C LYS B 244 22.55 -9.12 22.26
N LEU B 245 23.23 -10.24 22.02
CA LEU B 245 24.68 -10.33 22.17
C LEU B 245 25.46 -9.75 20.99
N TYR B 246 25.09 -10.16 19.78
CA TYR B 246 25.87 -9.82 18.58
C TYR B 246 25.09 -9.06 17.50
N GLY B 247 23.88 -8.62 17.84
CA GLY B 247 23.08 -7.80 16.93
C GLY B 247 22.27 -8.59 15.91
N ALA B 248 21.26 -7.93 15.34
CA ALA B 248 20.45 -8.53 14.29
C ALA B 248 21.18 -8.46 12.95
N ASN B 249 21.23 -9.58 12.24
CA ASN B 249 21.84 -9.63 10.91
C ASN B 249 20.88 -9.09 9.87
N LEU B 250 21.12 -7.86 9.45
CA LEU B 250 20.25 -7.19 8.48
C LEU B 250 20.71 -7.33 7.02
N THR B 251 21.67 -8.23 6.80
CA THR B 251 22.14 -8.53 5.44
C THR B 251 21.53 -9.84 4.93
N THR B 252 20.71 -10.47 5.76
CA THR B 252 20.16 -11.79 5.46
C THR B 252 18.82 -11.74 4.73
N ARG B 253 18.77 -12.36 3.56
CA ARG B 253 17.55 -12.52 2.75
C ARG B 253 16.80 -11.20 2.55
N THR B 254 17.52 -10.19 2.05
CA THR B 254 16.96 -8.85 1.84
C THR B 254 16.07 -8.78 0.60
N GLY B 255 16.16 -9.79 -0.27
CA GLY B 255 15.34 -9.87 -1.47
C GLY B 255 13.96 -10.44 -1.19
N ASP B 256 13.22 -10.76 -2.25
CA ASP B 256 11.90 -11.37 -2.12
C ASP B 256 12.05 -12.86 -1.81
N THR B 257 11.76 -13.22 -0.57
CA THR B 257 12.00 -14.59 -0.09
C THR B 257 10.71 -15.39 0.08
N VAL B 258 10.73 -16.62 -0.42
CA VAL B 258 9.59 -17.53 -0.26
C VAL B 258 9.96 -18.60 0.77
N TYR B 259 9.07 -18.79 1.74
CA TYR B 259 9.25 -19.79 2.78
C TYR B 259 8.19 -20.88 2.64
N GLY B 260 8.60 -22.12 2.90
CA GLY B 260 7.72 -23.28 2.74
C GLY B 260 7.93 -23.95 1.39
N PHE B 261 6.84 -24.13 0.64
CA PHE B 261 6.91 -24.68 -0.71
C PHE B 261 7.50 -23.66 -1.67
N ASN B 262 8.20 -24.16 -2.69
CA ASN B 262 8.85 -23.33 -3.72
C ASN B 262 9.82 -22.31 -3.12
N SER B 263 10.51 -22.72 -2.06
CA SER B 263 11.39 -21.83 -1.31
C SER B 263 12.67 -21.47 -2.06
N ASN B 264 13.09 -20.22 -1.91
CA ASN B 264 14.36 -19.76 -2.46
C ASN B 264 15.36 -19.38 -1.37
N THR B 265 15.12 -19.90 -0.16
CA THR B 265 15.97 -19.65 1.01
C THR B 265 17.32 -20.35 0.90
N GLU B 266 17.35 -21.48 0.19
CA GLU B 266 18.51 -22.39 0.16
C GLU B 266 18.83 -22.96 1.54
N ARG B 267 17.79 -23.05 2.38
CA ARG B 267 17.89 -23.66 3.70
C ARG B 267 16.91 -24.82 3.79
N ASP B 268 17.40 -25.97 4.26
CA ASP B 268 16.58 -27.18 4.36
C ASP B 268 15.40 -27.03 5.33
N PHE B 269 15.64 -26.37 6.46
CA PHE B 269 14.63 -26.19 7.50
C PHE B 269 13.53 -25.19 7.13
N TYR B 270 13.80 -24.34 6.15
CA TYR B 270 12.81 -23.37 5.65
C TYR B 270 11.99 -23.91 4.48
N SER B 271 12.38 -25.08 3.98
CA SER B 271 11.83 -25.61 2.73
C SER B 271 10.89 -26.81 2.91
N ALA B 272 9.73 -26.73 2.28
CA ALA B 272 8.80 -27.85 2.18
C ALA B 272 8.84 -28.41 0.77
N THR B 273 8.88 -29.73 0.67
CA THR B 273 9.05 -30.40 -0.63
C THR B 273 7.82 -31.20 -1.06
N SER B 274 6.98 -31.58 -0.09
CA SER B 274 5.77 -32.34 -0.37
C SER B 274 4.72 -32.12 0.72
N SER B 275 3.52 -32.68 0.51
CA SER B 275 2.45 -32.67 1.50
C SER B 275 2.83 -33.37 2.80
N SER B 276 3.90 -34.16 2.77
CA SER B 276 4.36 -34.90 3.95
C SER B 276 5.46 -34.17 4.72
N SER B 277 5.89 -33.02 4.21
CA SER B 277 6.94 -32.23 4.84
C SER B 277 6.50 -31.69 6.20
N LYS B 278 7.31 -31.98 7.22
CA LYS B 278 7.06 -31.47 8.56
C LYS B 278 7.94 -30.23 8.78
N LEU B 279 7.30 -29.07 8.83
CA LEU B 279 8.02 -27.81 8.96
C LEU B 279 8.05 -27.32 10.40
N VAL B 280 9.26 -27.00 10.87
CA VAL B 280 9.44 -26.33 12.16
C VAL B 280 10.49 -25.24 11.96
N PHE B 281 10.05 -23.99 11.84
CA PHE B 281 10.97 -22.87 11.68
C PHE B 281 10.48 -21.54 12.22
N SER B 282 11.43 -20.68 12.57
CA SER B 282 11.17 -19.30 12.96
C SER B 282 11.81 -18.39 11.92
N VAL B 283 10.99 -17.60 11.23
CA VAL B 283 11.45 -16.78 10.11
C VAL B 283 12.28 -15.58 10.54
N TRP B 284 13.55 -15.59 10.13
CA TRP B 284 14.35 -14.37 10.17
C TRP B 284 14.53 -13.84 8.75
N ASP B 285 14.15 -12.58 8.56
CA ASP B 285 14.18 -11.94 7.25
C ASP B 285 14.36 -10.43 7.40
N ALA B 286 15.29 -9.88 6.63
CA ALA B 286 15.73 -8.49 6.83
C ALA B 286 15.18 -7.46 5.83
N GLY B 287 14.54 -7.93 4.76
CA GLY B 287 13.96 -7.03 3.76
C GLY B 287 13.24 -7.72 2.62
N GLY B 288 12.54 -6.91 1.81
CA GLY B 288 11.88 -7.40 0.61
C GLY B 288 10.44 -7.83 0.81
N ASN B 289 9.81 -8.25 -0.29
CA ASN B 289 8.44 -8.72 -0.27
C ASN B 289 8.40 -10.25 -0.14
N ASP B 290 7.99 -10.73 1.04
CA ASP B 290 8.16 -12.13 1.41
C ASP B 290 6.83 -12.89 1.52
N THR B 291 6.91 -14.21 1.33
CA THR B 291 5.72 -15.06 1.26
C THR B 291 5.88 -16.36 2.06
N LEU B 292 4.86 -16.67 2.84
CA LEU B 292 4.74 -18.00 3.46
C LEU B 292 3.87 -18.86 2.55
N ASP B 293 4.52 -19.73 1.78
CA ASP B 293 3.85 -20.58 0.81
C ASP B 293 3.62 -21.98 1.37
N PHE B 294 2.39 -22.26 1.78
CA PHE B 294 2.00 -23.58 2.27
C PHE B 294 0.89 -24.16 1.40
N SER B 295 1.04 -24.01 0.09
CA SER B 295 0.03 -24.42 -0.89
C SER B 295 -0.08 -25.92 -1.11
N GLY B 296 0.96 -26.66 -0.72
CA GLY B 296 0.99 -28.10 -0.93
C GLY B 296 0.50 -28.95 0.23
N PHE B 297 -0.13 -28.32 1.22
CA PHE B 297 -0.70 -29.05 2.36
C PHE B 297 -2.22 -29.22 2.24
N SER B 298 -2.72 -30.33 2.77
CA SER B 298 -4.15 -30.64 2.69
C SER B 298 -4.92 -30.36 3.98
N GLN B 299 -4.20 -30.28 5.10
CA GLN B 299 -4.83 -30.06 6.41
C GLN B 299 -5.33 -28.62 6.55
N ASN B 300 -6.29 -28.42 7.44
CA ASN B 300 -6.79 -27.09 7.78
C ASN B 300 -5.72 -26.30 8.53
N GLN B 301 -5.20 -25.28 7.88
CA GLN B 301 -4.07 -24.51 8.42
C GLN B 301 -4.51 -23.17 8.99
N LYS B 302 -3.72 -22.67 9.94
CA LYS B 302 -3.94 -21.34 10.50
C LYS B 302 -2.62 -20.58 10.40
N ILE B 303 -2.63 -19.51 9.60
CA ILE B 303 -1.40 -18.77 9.30
C ILE B 303 -1.50 -17.32 9.79
N ASN B 304 -0.55 -16.92 10.64
CA ASN B 304 -0.52 -15.58 11.24
C ASN B 304 0.72 -14.81 10.82
N LEU B 305 0.54 -13.72 10.07
CA LEU B 305 1.65 -12.94 9.51
C LEU B 305 2.19 -11.84 10.43
N ASN B 306 1.69 -11.77 11.66
CA ASN B 306 2.17 -10.80 12.64
C ASN B 306 3.46 -11.23 13.32
N GLU B 307 4.24 -10.26 13.79
CA GLU B 307 5.50 -10.51 14.49
C GLU B 307 5.28 -11.35 15.75
N LYS B 308 6.20 -12.26 16.01
CA LYS B 308 6.20 -13.12 17.22
C LYS B 308 5.10 -14.20 17.22
N ALA B 309 4.15 -14.10 16.29
CA ALA B 309 3.00 -14.99 16.24
C ALA B 309 3.36 -16.40 15.76
N LEU B 310 2.59 -17.38 16.23
CA LEU B 310 2.79 -18.78 15.84
C LEU B 310 1.63 -19.29 14.98
N SER B 311 1.97 -20.09 13.98
CA SER B 311 1.01 -20.62 13.02
C SER B 311 0.92 -22.15 13.07
N ASP B 312 -0.26 -22.68 12.74
CA ASP B 312 -0.49 -24.12 12.62
C ASP B 312 -0.41 -24.53 11.15
N VAL B 313 0.70 -25.17 10.79
CA VAL B 313 1.05 -25.41 9.39
C VAL B 313 1.28 -26.89 9.06
N GLY B 314 0.52 -27.38 8.08
CA GLY B 314 0.69 -28.74 7.56
C GLY B 314 0.40 -29.87 8.54
N GLY B 315 -0.65 -29.72 9.33
CA GLY B 315 -1.06 -30.73 10.29
C GLY B 315 -0.29 -30.70 11.61
N LEU B 316 0.61 -29.72 11.73
CA LEU B 316 1.35 -29.49 12.96
C LEU B 316 0.79 -28.27 13.68
N LYS B 317 1.13 -28.12 14.96
CA LYS B 317 0.60 -27.02 15.78
C LYS B 317 1.72 -26.12 16.28
N GLY B 318 1.56 -24.81 16.08
CA GLY B 318 2.54 -23.81 16.52
C GLY B 318 3.95 -24.08 16.04
N ASN B 319 4.07 -24.51 14.79
CA ASN B 319 5.34 -24.95 14.22
C ASN B 319 6.05 -23.88 13.39
N VAL B 320 5.28 -22.88 12.95
CA VAL B 320 5.83 -21.77 12.17
C VAL B 320 5.65 -20.46 12.92
N SER B 321 6.75 -19.73 13.10
CA SER B 321 6.71 -18.41 13.73
C SER B 321 7.51 -17.39 12.94
N ILE B 322 7.29 -16.12 13.25
CA ILE B 322 8.01 -15.02 12.64
C ILE B 322 8.77 -14.27 13.74
N ALA B 323 10.08 -14.15 13.59
CA ALA B 323 10.93 -13.52 14.60
C ALA B 323 10.59 -12.05 14.80
N ALA B 324 10.86 -11.54 16.00
CA ALA B 324 10.63 -10.14 16.33
C ALA B 324 11.43 -9.22 15.41
N GLY B 325 10.75 -8.22 14.85
CA GLY B 325 11.38 -7.27 13.94
C GLY B 325 11.26 -7.62 12.47
N VAL B 326 10.64 -8.77 12.18
CA VAL B 326 10.50 -9.26 10.81
C VAL B 326 9.11 -8.97 10.25
N THR B 327 9.07 -8.42 9.03
CA THR B 327 7.82 -8.16 8.33
C THR B 327 7.67 -9.11 7.14
N VAL B 328 6.71 -10.03 7.24
CA VAL B 328 6.39 -10.96 6.16
C VAL B 328 5.07 -10.54 5.52
N GLU B 329 5.08 -10.38 4.21
CA GLU B 329 3.97 -9.73 3.49
C GLU B 329 2.84 -10.67 3.08
N ASN B 330 3.18 -11.85 2.55
CA ASN B 330 2.19 -12.71 1.91
C ASN B 330 2.02 -14.09 2.53
N ALA B 331 0.86 -14.68 2.31
CA ALA B 331 0.58 -16.06 2.76
C ALA B 331 -0.29 -16.80 1.75
N ILE B 332 0.12 -18.02 1.43
CA ILE B 332 -0.66 -18.90 0.56
C ILE B 332 -1.06 -20.15 1.32
N GLY B 333 -2.37 -20.37 1.46
CA GLY B 333 -2.90 -21.56 2.12
C GLY B 333 -2.90 -22.77 1.21
N GLY B 334 -3.32 -23.92 1.75
CA GLY B 334 -3.39 -25.15 0.97
C GLY B 334 -4.81 -25.49 0.53
N SER B 335 -5.06 -26.77 0.29
CA SER B 335 -6.36 -27.24 -0.20
C SER B 335 -7.41 -27.36 0.90
N GLY B 336 -6.97 -27.31 2.15
CA GLY B 336 -7.88 -27.37 3.30
C GLY B 336 -8.56 -26.05 3.56
N SER B 337 -9.50 -26.05 4.51
CA SER B 337 -10.19 -24.83 4.93
C SER B 337 -9.28 -24.05 5.89
N ASP B 338 -8.61 -23.04 5.35
CA ASP B 338 -7.54 -22.34 6.07
C ASP B 338 -7.94 -21.00 6.66
N LEU B 339 -7.16 -20.59 7.66
CA LEU B 339 -7.30 -19.29 8.30
C LEU B 339 -6.05 -18.49 7.98
N LEU B 340 -6.23 -17.35 7.32
CA LEU B 340 -5.12 -16.49 6.91
C LEU B 340 -5.24 -15.10 7.52
N ILE B 341 -4.33 -14.80 8.44
CA ILE B 341 -4.33 -13.51 9.14
C ILE B 341 -3.12 -12.69 8.73
N GLY B 342 -3.38 -11.53 8.12
CA GLY B 342 -2.33 -10.60 7.71
C GLY B 342 -1.92 -9.67 8.83
N ASN B 343 -0.95 -8.81 8.53
CA ASN B 343 -0.45 -7.83 9.51
C ASN B 343 -0.81 -6.39 9.10
N ASP B 344 -0.03 -5.43 9.58
CA ASP B 344 -0.33 -4.01 9.36
C ASP B 344 -0.05 -3.50 7.95
N VAL B 345 0.88 -4.14 7.25
CA VAL B 345 1.25 -3.71 5.90
C VAL B 345 0.38 -4.39 4.82
N ALA B 346 0.59 -3.99 3.56
CA ALA B 346 -0.15 -4.56 2.43
C ALA B 346 0.16 -6.04 2.25
N ASN B 347 -0.87 -6.88 2.38
CA ASN B 347 -0.74 -8.33 2.31
C ASN B 347 -1.44 -8.96 1.11
N VAL B 348 -0.75 -9.88 0.45
CA VAL B 348 -1.37 -10.75 -0.55
C VAL B 348 -1.72 -12.07 0.13
N LEU B 349 -3.02 -12.33 0.28
CA LEU B 349 -3.47 -13.57 0.90
C LEU B 349 -4.22 -14.44 -0.11
N LYS B 350 -3.71 -15.66 -0.29
CA LYS B 350 -4.31 -16.63 -1.21
C LYS B 350 -4.77 -17.86 -0.43
N GLY B 351 -6.08 -18.10 -0.44
CA GLY B 351 -6.67 -19.20 0.31
C GLY B 351 -6.49 -20.56 -0.33
N GLY B 352 -6.47 -20.59 -1.66
CA GLY B 352 -6.43 -21.84 -2.41
C GLY B 352 -7.77 -22.55 -2.34
N ALA B 353 -7.76 -23.87 -2.54
CA ALA B 353 -8.97 -24.68 -2.41
C ALA B 353 -9.42 -24.76 -0.95
N GLY B 354 -10.71 -25.05 -0.75
CA GLY B 354 -11.28 -25.14 0.59
C GLY B 354 -12.02 -23.86 1.00
N ASN B 355 -12.76 -23.95 2.09
CA ASN B 355 -13.54 -22.82 2.60
C ASN B 355 -12.72 -21.97 3.56
N ASP B 356 -12.01 -20.99 3.00
CA ASP B 356 -11.02 -20.21 3.75
C ASP B 356 -11.58 -18.95 4.40
N ILE B 357 -11.00 -18.61 5.55
CA ILE B 357 -11.32 -17.36 6.23
C ILE B 357 -10.09 -16.45 6.16
N LEU B 358 -10.27 -15.30 5.52
CA LEU B 358 -9.18 -14.35 5.31
C LEU B 358 -9.39 -13.04 6.08
N TYR B 359 -8.31 -12.57 6.69
CA TYR B 359 -8.32 -11.35 7.47
C TYR B 359 -7.13 -10.49 7.06
N GLY B 360 -7.41 -9.48 6.23
CA GLY B 360 -6.38 -8.60 5.71
C GLY B 360 -5.66 -7.78 6.77
N GLY B 361 -6.40 -7.34 7.78
CA GLY B 361 -5.87 -6.44 8.80
C GLY B 361 -5.69 -5.05 8.24
N LEU B 362 -4.78 -4.28 8.83
CA LEU B 362 -4.53 -2.90 8.40
C LEU B 362 -3.85 -2.84 7.02
N GLY B 363 -3.99 -1.70 6.36
CA GLY B 363 -3.42 -1.50 5.02
C GLY B 363 -4.32 -2.01 3.91
N ALA B 364 -3.91 -1.78 2.67
CA ALA B 364 -4.64 -2.24 1.49
C ALA B 364 -4.19 -3.64 1.09
N ASP B 365 -5.11 -4.60 1.16
CA ASP B 365 -4.77 -6.00 0.96
C ASP B 365 -5.37 -6.60 -0.30
N GLN B 366 -4.60 -7.47 -0.95
CA GLN B 366 -5.05 -8.18 -2.14
C GLN B 366 -5.47 -9.58 -1.73
N LEU B 367 -6.78 -9.81 -1.69
CA LEU B 367 -7.34 -11.04 -1.12
C LEU B 367 -7.90 -11.98 -2.19
N TRP B 368 -7.30 -13.16 -2.27
CA TRP B 368 -7.72 -14.20 -3.19
C TRP B 368 -8.29 -15.37 -2.40
N GLY B 369 -9.57 -15.65 -2.60
CA GLY B 369 -10.23 -16.74 -1.90
C GLY B 369 -9.93 -18.10 -2.51
N GLY B 370 -9.79 -18.13 -3.83
CA GLY B 370 -9.63 -19.38 -4.57
C GLY B 370 -10.94 -20.12 -4.68
N ALA B 371 -10.86 -21.41 -4.98
CA ALA B 371 -12.05 -22.27 -5.05
C ALA B 371 -12.66 -22.46 -3.66
N GLY B 372 -13.96 -22.76 -3.61
CA GLY B 372 -14.68 -22.94 -2.35
C GLY B 372 -15.36 -21.65 -1.88
N ALA B 373 -16.11 -21.77 -0.78
CA ALA B 373 -16.85 -20.65 -0.21
C ALA B 373 -15.99 -19.92 0.82
N ASP B 374 -15.52 -18.73 0.45
CA ASP B 374 -14.56 -17.99 1.26
C ASP B 374 -15.16 -16.80 2.00
N THR B 375 -14.54 -16.45 3.12
CA THR B 375 -15.02 -15.37 3.97
C THR B 375 -13.93 -14.33 4.16
N PHE B 376 -14.24 -13.09 3.82
CA PHE B 376 -13.31 -11.97 3.98
C PHE B 376 -13.75 -11.13 5.16
N VAL B 377 -12.99 -11.23 6.24
CA VAL B 377 -13.39 -10.71 7.54
C VAL B 377 -12.75 -9.37 7.85
N TYR B 378 -13.56 -8.46 8.39
CA TYR B 378 -13.10 -7.12 8.77
C TYR B 378 -13.48 -6.82 10.22
N GLY B 379 -12.49 -6.39 11.01
CA GLY B 379 -12.68 -6.13 12.43
C GLY B 379 -12.67 -4.66 12.80
N ASP B 380 -12.12 -3.83 11.91
CA ASP B 380 -12.03 -2.39 12.12
C ASP B 380 -12.22 -1.63 10.81
N ILE B 381 -12.79 -0.43 10.89
CA ILE B 381 -13.00 0.44 9.74
C ILE B 381 -11.68 0.80 9.06
N ALA B 382 -10.67 1.13 9.86
CA ALA B 382 -9.35 1.53 9.39
C ALA B 382 -8.66 0.45 8.53
N GLU B 383 -9.16 -0.78 8.61
CA GLU B 383 -8.61 -1.92 7.87
C GLU B 383 -8.84 -1.84 6.36
N SER B 384 -9.90 -1.13 5.95
CA SER B 384 -10.17 -0.92 4.54
C SER B 384 -10.76 0.46 4.30
N SER B 385 -9.91 1.49 4.39
CA SER B 385 -10.31 2.87 4.19
C SER B 385 -10.71 3.15 2.75
N ALA B 386 -11.43 4.24 2.54
CA ALA B 386 -11.85 4.65 1.20
C ALA B 386 -10.66 5.06 0.33
N ALA B 387 -9.62 5.60 0.96
CA ALA B 387 -8.41 6.05 0.27
C ALA B 387 -7.57 4.87 -0.25
N ALA B 388 -7.38 3.86 0.60
CA ALA B 388 -6.58 2.69 0.25
C ALA B 388 -7.30 1.39 0.60
N PRO B 389 -8.30 1.00 -0.22
CA PRO B 389 -9.14 -0.16 0.09
C PRO B 389 -8.51 -1.51 -0.24
N ASP B 390 -9.05 -2.56 0.38
CA ASP B 390 -8.77 -3.93 -0.02
C ASP B 390 -9.32 -4.21 -1.41
N THR B 391 -8.73 -5.19 -2.09
CA THR B 391 -9.32 -5.69 -3.33
C THR B 391 -9.54 -7.20 -3.21
N LEU B 392 -10.80 -7.61 -3.35
CA LEU B 392 -11.16 -9.01 -3.41
C LEU B 392 -11.08 -9.45 -4.87
N ARG B 393 -10.03 -10.19 -5.18
CA ARG B 393 -9.60 -10.42 -6.56
C ARG B 393 -10.29 -11.56 -7.31
N ASP B 394 -11.08 -12.37 -6.60
CA ASP B 394 -11.81 -13.47 -7.22
C ASP B 394 -13.16 -13.74 -6.53
N PHE B 395 -13.86 -12.67 -6.18
CA PHE B 395 -15.12 -12.77 -5.44
C PHE B 395 -16.23 -13.40 -6.28
N VAL B 396 -16.80 -14.48 -5.75
CA VAL B 396 -17.90 -15.18 -6.40
C VAL B 396 -19.18 -15.01 -5.57
N SER B 397 -20.16 -14.33 -6.16
CA SER B 397 -21.45 -14.06 -5.50
C SER B 397 -22.21 -15.34 -5.21
N GLY B 398 -22.82 -15.40 -4.03
CA GLY B 398 -23.60 -16.56 -3.61
C GLY B 398 -22.77 -17.68 -3.01
N GLN B 399 -21.45 -17.53 -3.08
CA GLN B 399 -20.52 -18.50 -2.53
C GLN B 399 -19.64 -17.82 -1.48
N ASP B 400 -18.91 -16.79 -1.91
CA ASP B 400 -18.06 -16.00 -1.03
C ASP B 400 -18.88 -15.03 -0.20
N LYS B 401 -18.30 -14.56 0.91
CA LYS B 401 -18.97 -13.63 1.81
C LYS B 401 -18.04 -12.51 2.29
N ILE B 402 -18.57 -11.29 2.33
CA ILE B 402 -17.89 -10.18 2.99
C ILE B 402 -18.42 -10.10 4.42
N ASP B 403 -17.52 -10.26 5.38
CA ASP B 403 -17.92 -10.34 6.80
C ASP B 403 -17.56 -9.07 7.57
N LEU B 404 -18.60 -8.32 7.95
CA LEU B 404 -18.45 -7.07 8.68
C LEU B 404 -19.02 -7.15 10.10
N SER B 405 -19.36 -8.36 10.54
CA SER B 405 -19.99 -8.59 11.84
C SER B 405 -19.10 -8.20 13.03
N GLY B 406 -17.79 -8.23 12.82
CA GLY B 406 -16.82 -7.88 13.87
C GLY B 406 -16.64 -6.40 14.10
N LEU B 407 -17.15 -5.58 13.18
CA LEU B 407 -17.07 -4.12 13.30
C LEU B 407 -17.91 -3.62 14.47
N ASP B 408 -17.31 -2.71 15.26
CA ASP B 408 -17.94 -2.18 16.47
C ASP B 408 -19.33 -1.58 16.23
N ALA B 409 -19.51 -0.97 15.06
CA ALA B 409 -20.79 -0.36 14.68
C ALA B 409 -21.94 -1.37 14.55
N PHE B 410 -21.60 -2.63 14.31
CA PHE B 410 -22.61 -3.67 14.10
C PHE B 410 -22.92 -4.52 15.34
N VAL B 411 -21.90 -4.89 16.09
CA VAL B 411 -22.08 -5.66 17.32
C VAL B 411 -22.58 -4.79 18.48
N ASN B 412 -21.94 -3.65 18.67
CA ASN B 412 -22.27 -2.75 19.78
C ASN B 412 -23.13 -1.56 19.36
N GLY B 413 -22.82 -0.98 18.21
CA GLY B 413 -23.56 0.18 17.69
C GLY B 413 -24.94 -0.16 17.17
N GLY B 414 -25.13 -1.42 16.77
CA GLY B 414 -26.41 -1.90 16.26
C GLY B 414 -26.86 -1.21 14.98
N LEU B 415 -25.89 -0.93 14.10
CA LEU B 415 -26.15 -0.20 12.86
C LEU B 415 -26.84 -1.10 11.84
N VAL B 416 -27.68 -0.50 11.01
CA VAL B 416 -28.34 -1.21 9.91
C VAL B 416 -27.94 -0.54 8.59
N LEU B 417 -27.38 -1.33 7.68
CA LEU B 417 -26.98 -0.83 6.37
C LEU B 417 -28.19 -0.51 5.49
N GLN B 418 -28.15 0.64 4.84
CA GLN B 418 -29.14 1.01 3.83
C GLN B 418 -28.43 1.27 2.50
N TYR B 419 -28.73 0.44 1.51
CA TYR B 419 -28.06 0.53 0.22
C TYR B 419 -28.69 1.62 -0.67
N VAL B 420 -27.86 2.55 -1.12
CA VAL B 420 -28.30 3.71 -1.89
C VAL B 420 -27.41 3.99 -3.10
N ASP B 421 -27.86 4.90 -3.96
CA ASP B 421 -27.09 5.33 -5.13
C ASP B 421 -26.30 6.62 -4.85
N ALA B 422 -26.64 7.29 -3.75
CA ALA B 422 -25.99 8.54 -3.34
C ALA B 422 -26.11 8.74 -1.82
N PHE B 423 -25.04 9.25 -1.22
CA PHE B 423 -25.03 9.52 0.22
C PHE B 423 -25.81 10.79 0.56
N ALA B 424 -26.86 10.63 1.36
CA ALA B 424 -27.68 11.75 1.81
C ALA B 424 -27.12 12.38 3.10
N GLY B 425 -26.37 11.58 3.85
CA GLY B 425 -25.81 12.03 5.13
C GLY B 425 -26.37 11.26 6.31
N LYS B 426 -26.50 9.96 6.14
CA LYS B 426 -27.03 9.06 7.18
C LYS B 426 -26.04 7.95 7.47
N ALA B 427 -25.83 7.67 8.76
CA ALA B 427 -24.92 6.61 9.19
C ALA B 427 -25.43 5.23 8.75
N GLY B 428 -24.55 4.48 8.10
CA GLY B 428 -24.87 3.13 7.65
C GLY B 428 -25.31 3.02 6.20
N GLN B 429 -25.31 4.14 5.49
CA GLN B 429 -25.63 4.13 4.07
C GLN B 429 -24.48 3.54 3.26
N ALA B 430 -24.82 2.69 2.29
CA ALA B 430 -23.82 1.98 1.49
C ALA B 430 -24.11 2.07 0.00
N ILE B 431 -23.06 2.18 -0.80
CA ILE B 431 -23.19 2.17 -2.25
C ILE B 431 -22.52 0.92 -2.82
N LEU B 432 -23.34 0.03 -3.38
CA LEU B 432 -22.85 -1.14 -4.11
C LEU B 432 -22.81 -0.85 -5.59
N SER B 433 -21.61 -0.90 -6.16
CA SER B 433 -21.40 -0.63 -7.58
C SER B 433 -20.87 -1.87 -8.28
N TYR B 434 -21.35 -2.12 -9.49
CA TYR B 434 -20.87 -3.23 -10.31
C TYR B 434 -21.04 -2.95 -11.80
N ASP B 435 -19.98 -3.21 -12.56
CA ASP B 435 -20.00 -3.09 -14.02
C ASP B 435 -19.91 -4.47 -14.63
N ALA B 436 -20.98 -4.87 -15.34
CA ALA B 436 -21.07 -6.19 -15.96
C ALA B 436 -20.02 -6.43 -17.05
N ALA B 437 -19.63 -5.35 -17.73
CA ALA B 437 -18.66 -5.42 -18.82
C ALA B 437 -17.24 -5.76 -18.36
N SER B 438 -16.79 -5.08 -17.31
CA SER B 438 -15.41 -5.23 -16.81
C SER B 438 -15.31 -6.12 -15.58
N LYS B 439 -16.46 -6.56 -15.07
CA LYS B 439 -16.56 -7.40 -13.86
C LYS B 439 -16.15 -6.67 -12.57
N ALA B 440 -15.74 -5.41 -12.71
CA ALA B 440 -15.28 -4.60 -11.58
C ALA B 440 -16.44 -4.17 -10.68
N GLY B 441 -16.22 -4.28 -9.37
CA GLY B 441 -17.23 -3.92 -8.37
C GLY B 441 -16.68 -3.04 -7.27
N SER B 442 -17.59 -2.49 -6.46
CA SER B 442 -17.23 -1.55 -5.40
C SER B 442 -18.24 -1.52 -4.27
N LEU B 443 -17.74 -1.62 -3.04
CA LEU B 443 -18.55 -1.38 -1.85
C LEU B 443 -17.99 -0.17 -1.11
N ALA B 444 -18.83 0.83 -0.91
CA ALA B 444 -18.46 2.02 -0.16
C ALA B 444 -19.53 2.34 0.88
N ILE B 445 -19.11 2.47 2.14
CA ILE B 445 -20.05 2.70 3.24
C ILE B 445 -19.76 4.01 3.98
N ASP B 446 -20.82 4.74 4.29
CA ASP B 446 -20.75 5.94 5.10
C ASP B 446 -21.10 5.58 6.54
N PHE B 447 -20.08 5.40 7.37
CA PHE B 447 -20.27 5.00 8.77
C PHE B 447 -20.56 6.19 9.70
N SER B 448 -19.87 7.30 9.48
CA SER B 448 -20.02 8.49 10.34
C SER B 448 -21.31 9.27 10.06
N GLY B 449 -21.71 9.31 8.79
CA GLY B 449 -22.93 10.01 8.39
C GLY B 449 -22.71 11.41 7.84
N ASP B 450 -21.49 11.69 7.40
CA ASP B 450 -21.15 13.00 6.82
C ASP B 450 -21.28 13.03 5.30
N ALA B 451 -21.93 12.00 4.74
CA ALA B 451 -22.11 11.81 3.29
C ALA B 451 -20.80 11.50 2.55
N HIS B 452 -19.76 11.15 3.30
CA HIS B 452 -18.47 10.76 2.75
C HIS B 452 -18.16 9.32 3.13
N ALA B 453 -17.48 8.60 2.24
CA ALA B 453 -17.11 7.20 2.50
C ALA B 453 -15.90 7.10 3.42
N ASP B 454 -16.04 6.30 4.48
CA ASP B 454 -14.95 6.03 5.42
C ASP B 454 -14.37 4.65 5.15
N PHE B 455 -15.21 3.79 4.58
CA PHE B 455 -14.89 2.38 4.38
C PHE B 455 -15.20 2.00 2.95
N ALA B 456 -14.26 1.27 2.32
CA ALA B 456 -14.44 0.82 0.94
C ALA B 456 -13.74 -0.51 0.67
N ILE B 457 -14.36 -1.34 -0.17
CA ILE B 457 -13.73 -2.56 -0.66
C ILE B 457 -13.86 -2.62 -2.19
N ASN B 458 -12.73 -2.83 -2.86
CA ASN B 458 -12.73 -3.02 -4.31
C ASN B 458 -13.00 -4.48 -4.64
N LEU B 459 -13.69 -4.72 -5.76
CA LEU B 459 -14.12 -6.07 -6.12
C LEU B 459 -13.79 -6.44 -7.56
N ILE B 460 -13.26 -7.65 -7.72
CA ILE B 460 -13.17 -8.29 -9.03
C ILE B 460 -14.20 -9.41 -9.03
N GLY B 461 -15.37 -9.12 -9.61
CA GLY B 461 -16.53 -10.00 -9.50
C GLY B 461 -17.61 -9.32 -8.67
N GLN B 462 -18.87 -9.64 -8.97
CA GLN B 462 -20.01 -8.97 -8.34
C GLN B 462 -20.24 -9.39 -6.90
N ALA B 463 -20.56 -8.41 -6.06
CA ALA B 463 -21.04 -8.66 -4.71
C ALA B 463 -22.43 -8.05 -4.54
N THR B 464 -23.40 -8.89 -4.18
CA THR B 464 -24.75 -8.44 -3.91
C THR B 464 -24.90 -8.11 -2.43
N GLN B 465 -26.04 -7.51 -2.07
CA GLN B 465 -26.36 -7.18 -0.67
C GLN B 465 -26.36 -8.42 0.21
N ALA B 466 -26.82 -9.55 -0.34
CA ALA B 466 -26.89 -10.82 0.37
C ALA B 466 -25.51 -11.42 0.69
N ASP B 467 -24.50 -11.05 -0.11
CA ASP B 467 -23.14 -11.53 0.10
C ASP B 467 -22.45 -10.87 1.29
N ILE B 468 -22.99 -9.73 1.72
CA ILE B 468 -22.40 -8.96 2.82
C ILE B 468 -23.06 -9.31 4.14
N VAL B 469 -22.26 -9.84 5.06
CA VAL B 469 -22.74 -10.30 6.37
C VAL B 469 -22.40 -9.29 7.46
N VAL B 470 -23.40 -8.96 8.28
CA VAL B 470 -23.23 -8.00 9.37
C VAL B 470 -23.58 -8.62 10.73
N ARG C 1 -32.33 39.56 -18.68
N ARG C 1 -35.79 42.25 -12.36
CA ARG C 1 -32.80 38.68 -17.56
CA ARG C 1 -36.27 40.95 -12.89
C ARG C 1 -32.07 37.35 -17.52
C ARG C 1 -35.09 40.02 -13.19
N PRO C 2 -31.37 37.00 -18.61
N PRO C 2 -35.13 38.80 -12.62
CA PRO C 2 -30.61 35.76 -18.71
CA PRO C 2 -34.06 37.80 -12.73
C PRO C 2 -29.14 35.96 -18.39
C PRO C 2 -33.51 37.67 -14.14
N LYS C 3 -28.28 35.12 -18.95
N LYS C 3 -32.32 38.24 -14.37
CA LYS C 3 -26.84 35.20 -18.72
CA LYS C 3 -31.72 38.31 -15.71
C LYS C 3 -26.02 34.75 -19.93
C LYS C 3 -31.22 36.98 -16.24
N PRO C 4 -25.80 35.68 -20.87
N PRO C 4 -30.97 36.90 -17.55
CA PRO C 4 -25.00 35.50 -22.09
CA PRO C 4 -30.47 35.73 -18.25
C PRO C 4 -23.61 34.88 -21.89
C PRO C 4 -28.99 35.87 -18.49
N GLN C 5 -22.98 34.52 -23.00
N GLN C 5 -28.20 34.90 -18.03
CA GLN C 5 -21.64 33.93 -23.02
CA GLN C 5 -26.76 34.99 -18.14
C GLN C 5 -20.76 34.73 -23.97
C GLN C 5 -26.25 34.55 -19.50
N GLN C 6 -19.48 34.90 -23.62
N GLN C 6 -25.34 35.35 -20.07
CA GLN C 6 -18.53 35.66 -24.44
CA GLN C 6 -24.80 35.09 -21.39
C GLN C 6 -18.29 35.03 -25.81
C GLN C 6 -23.32 34.72 -21.30
N ARG D 1 31.20 -27.03 34.87
CA ARG D 1 31.63 -26.11 33.78
C ARG D 1 30.83 -26.32 32.48
N PRO D 2 30.83 -27.54 31.91
CA PRO D 2 30.14 -27.73 30.63
C PRO D 2 28.64 -27.96 30.79
N LYS D 3 27.89 -27.74 29.72
CA LYS D 3 26.45 -27.96 29.73
C LYS D 3 26.06 -29.04 28.71
N PRO D 4 25.67 -30.23 29.19
CA PRO D 4 25.19 -31.34 28.37
C PRO D 4 23.76 -31.21 27.83
N GLN D 5 23.48 -31.97 26.77
CA GLN D 5 22.15 -32.04 26.15
C GLN D 5 21.39 -33.24 26.69
N GLN D 6 20.07 -33.10 26.79
CA GLN D 6 19.18 -34.16 27.26
C GLN D 6 19.27 -35.40 26.38
#